data_6SNV
#
_entry.id   6SNV
#
_cell.length_a   90.893
_cell.length_b   134.806
_cell.length_c   102.569
_cell.angle_alpha   90.000
_cell.angle_beta   90.000
_cell.angle_gamma   90.000
#
_symmetry.space_group_name_H-M   'P 21 21 2'
#
loop_
_entity.id
_entity.type
_entity.pdbx_description
1 polymer 'DNA mismatch repair protein MLH1'
2 polymer 'DNA mismatch repair protein MLH3'
3 non-polymer 'ZINC ION'
4 water water
#
loop_
_entity_poly.entity_id
_entity_poly.type
_entity_poly.pdbx_seq_one_letter_code
_entity_poly.pdbx_strand_id
1 'polypeptide(L)'
;ERVNVNLTSIKKLREKVDDSIHRELTDIFANLNYVGVVDEERRLAAIQHDLKLFLIDYGSVCYELFYQIGLTDFANFGKI
NLQSTNVSDDIVLYNLLSEFDELNDDASKEKIISKIWDMSSMLNEYYSIELVNDGLDNDLKSVKLKSLPLLLKGYIPSLV
KLPFFIYRLGKEVDWEDEQECLDGILREIALLYIPDMVPKVDTSDASLSEDEKAQFINRKEHISSLLEHVLFPCIKRRFL
APRHILKDVVEIANLPDLYKVFERC
;
A,D
2 'polypeptide(L)'
;GKTITDFSISRSVLAKYEVINQVDKKFILIRCLDQSIHNCPLLVLVDQHACDERIRLEELFYSLLTEVVTGTFVARDLKD
CCIEVDRTEADLFKHYQSEFKKWGIGYETIEGTMETSLLEIKTLPEMLTSKYNGDKDYLKMVLLQHAHDLKDFKKLPMDL
SHFENYTSVDKLYWWKYSSCVPTVFHEILNSKACRSAVMFGDELTRQECIILISKLSRCHNPFECAHGRPSMVPIAELK
;
B,E
#
loop_
_chem_comp.id
_chem_comp.type
_chem_comp.name
_chem_comp.formula
ZN non-polymer 'ZINC ION' 'Zn 2'
#
# COMPACT_ATOMS: atom_id res chain seq x y z
N GLU A 1 -17.31 8.87 -40.49
CA GLU A 1 -16.12 8.88 -39.65
C GLU A 1 -15.04 7.93 -40.21
N ARG A 2 -15.34 6.61 -40.27
CA ARG A 2 -14.42 5.60 -40.80
C ARG A 2 -14.47 5.62 -42.34
N VAL A 3 -13.32 5.87 -42.98
CA VAL A 3 -13.21 5.97 -44.45
C VAL A 3 -13.29 4.58 -45.14
N ASN A 4 -13.93 4.55 -46.33
CA ASN A 4 -14.10 3.34 -47.14
C ASN A 4 -12.85 3.04 -47.97
N VAL A 5 -12.07 2.03 -47.54
CA VAL A 5 -10.83 1.61 -48.22
C VAL A 5 -11.24 0.76 -49.42
N ASN A 6 -11.20 1.35 -50.62
CA ASN A 6 -11.58 0.66 -51.86
C ASN A 6 -10.36 0.25 -52.70
N LEU A 7 -9.14 0.29 -52.11
CA LEU A 7 -7.90 -0.08 -52.78
C LEU A 7 -7.78 -1.59 -52.94
N THR A 8 -7.59 -2.03 -54.19
CA THR A 8 -7.46 -3.44 -54.58
C THR A 8 -6.25 -4.12 -53.94
N SER A 9 -5.15 -3.36 -53.79
CA SER A 9 -3.88 -3.80 -53.18
C SER A 9 -4.04 -4.15 -51.71
N ILE A 10 -4.72 -3.28 -50.91
CA ILE A 10 -4.98 -3.45 -49.47
C ILE A 10 -5.83 -4.70 -49.21
N LYS A 11 -6.82 -4.95 -50.10
CA LYS A 11 -7.69 -6.13 -50.03
C LYS A 11 -6.88 -7.39 -50.32
N LYS A 12 -5.93 -7.31 -51.28
CA LYS A 12 -5.03 -8.41 -51.66
C LYS A 12 -4.04 -8.76 -50.54
N LEU A 13 -3.57 -7.75 -49.79
CA LEU A 13 -2.66 -7.94 -48.64
C LEU A 13 -3.42 -8.55 -47.47
N ARG A 14 -4.71 -8.17 -47.31
CA ARG A 14 -5.62 -8.66 -46.29
C ARG A 14 -5.94 -10.13 -46.53
N GLU A 15 -6.21 -10.50 -47.81
CA GLU A 15 -6.52 -11.86 -48.24
C GLU A 15 -5.37 -12.81 -47.91
N LYS A 16 -4.11 -12.37 -48.15
CA LYS A 16 -2.88 -13.13 -47.88
C LYS A 16 -2.75 -13.45 -46.38
N VAL A 17 -3.13 -12.49 -45.51
CA VAL A 17 -3.11 -12.65 -44.06
C VAL A 17 -4.19 -13.66 -43.65
N ASP A 18 -5.45 -13.46 -44.09
CA ASP A 18 -6.61 -14.32 -43.80
C ASP A 18 -6.39 -15.80 -44.16
N ASP A 19 -5.67 -16.08 -45.27
CA ASP A 19 -5.34 -17.43 -45.71
C ASP A 19 -4.24 -18.03 -44.82
N SER A 20 -3.25 -17.21 -44.43
CA SER A 20 -2.09 -17.59 -43.63
C SER A 20 -2.40 -17.98 -42.17
N ILE A 21 -3.51 -17.51 -41.59
CA ILE A 21 -3.90 -17.75 -40.19
C ILE A 21 -4.09 -19.24 -39.87
N HIS A 22 -3.41 -19.72 -38.81
CA HIS A 22 -3.47 -21.08 -38.29
C HIS A 22 -4.51 -21.12 -37.15
N ARG A 23 -5.51 -22.00 -37.26
CA ARG A 23 -6.63 -22.13 -36.32
C ARG A 23 -6.20 -22.52 -34.90
N GLU A 24 -5.49 -23.65 -34.75
CA GLU A 24 -5.01 -24.19 -33.46
C GLU A 24 -4.01 -23.28 -32.72
N LEU A 25 -3.20 -22.50 -33.47
CA LEU A 25 -2.20 -21.59 -32.89
C LEU A 25 -2.87 -20.34 -32.36
N THR A 26 -3.89 -19.81 -33.09
CA THR A 26 -4.68 -18.65 -32.69
C THR A 26 -5.47 -19.00 -31.42
N ASP A 27 -5.90 -20.27 -31.28
CA ASP A 27 -6.61 -20.79 -30.11
C ASP A 27 -5.75 -20.71 -28.85
N ILE A 28 -4.43 -20.94 -28.98
CA ILE A 28 -3.45 -20.88 -27.89
C ILE A 28 -3.31 -19.43 -27.38
N PHE A 29 -3.12 -18.48 -28.32
CA PHE A 29 -2.99 -17.05 -28.00
C PHE A 29 -4.28 -16.46 -27.43
N ALA A 30 -5.44 -16.79 -28.04
CA ALA A 30 -6.76 -16.30 -27.60
C ALA A 30 -7.07 -16.64 -26.14
N ASN A 31 -6.60 -17.82 -25.68
CA ASN A 31 -6.81 -18.30 -24.31
C ASN A 31 -5.48 -18.42 -23.52
N LEU A 32 -4.52 -17.50 -23.80
CA LEU A 32 -3.20 -17.50 -23.12
C LEU A 32 -3.28 -16.96 -21.69
N ASN A 33 -2.21 -17.21 -20.91
CA ASN A 33 -2.01 -16.74 -19.53
C ASN A 33 -0.53 -16.34 -19.43
N TYR A 34 -0.25 -15.03 -19.52
CA TYR A 34 1.12 -14.50 -19.53
C TYR A 34 1.83 -14.72 -18.20
N VAL A 35 3.07 -15.27 -18.26
CA VAL A 35 3.91 -15.56 -17.10
C VAL A 35 4.93 -14.40 -16.88
N GLY A 36 5.80 -14.17 -17.88
CA GLY A 36 6.81 -13.12 -17.82
C GLY A 36 7.90 -13.18 -18.87
N VAL A 37 8.85 -12.22 -18.81
CA VAL A 37 9.97 -12.16 -19.76
C VAL A 37 11.03 -13.21 -19.44
N VAL A 38 11.50 -13.91 -20.48
CA VAL A 38 12.54 -14.94 -20.42
C VAL A 38 13.86 -14.34 -20.90
N ASP A 39 13.87 -13.62 -22.04
CA ASP A 39 15.07 -13.00 -22.61
C ASP A 39 14.76 -11.68 -23.32
N GLU A 40 15.20 -10.54 -22.75
CA GLU A 40 14.98 -9.20 -23.33
C GLU A 40 15.77 -8.94 -24.63
N GLU A 41 16.86 -9.69 -24.85
CA GLU A 41 17.72 -9.59 -26.06
C GLU A 41 17.13 -10.43 -27.21
N ARG A 42 16.90 -11.74 -26.99
CA ARG A 42 16.31 -12.65 -27.99
C ARG A 42 14.78 -12.46 -28.10
N ARG A 43 14.22 -11.53 -27.30
CA ARG A 43 12.82 -11.15 -27.20
C ARG A 43 11.90 -12.35 -26.94
N LEU A 44 12.19 -13.09 -25.84
CA LEU A 44 11.43 -14.27 -25.43
C LEU A 44 10.60 -14.00 -24.18
N ALA A 45 9.39 -14.55 -24.16
CA ALA A 45 8.42 -14.45 -23.08
C ALA A 45 7.81 -15.82 -22.82
N ALA A 46 7.29 -16.05 -21.62
CA ALA A 46 6.67 -17.34 -21.28
C ALA A 46 5.18 -17.15 -21.02
N ILE A 47 4.38 -18.09 -21.54
CA ILE A 47 2.93 -18.12 -21.40
C ILE A 47 2.45 -19.52 -21.00
N GLN A 48 1.23 -19.60 -20.48
CA GLN A 48 0.61 -20.85 -20.12
C GLN A 48 -0.70 -20.98 -20.85
N HIS A 49 -0.85 -22.08 -21.59
CA HIS A 49 -2.08 -22.40 -22.29
C HIS A 49 -2.51 -23.74 -21.75
N ASP A 50 -3.74 -23.80 -21.20
CA ASP A 50 -4.30 -24.96 -20.51
C ASP A 50 -3.35 -25.30 -19.35
N LEU A 51 -2.61 -26.43 -19.41
CA LEU A 51 -1.66 -26.80 -18.37
C LEU A 51 -0.28 -27.12 -18.96
N LYS A 52 0.12 -26.36 -19.99
CA LYS A 52 1.39 -26.46 -20.69
C LYS A 52 2.05 -25.10 -20.71
N LEU A 53 3.38 -25.09 -20.49
CA LEU A 53 4.18 -23.88 -20.50
C LEU A 53 4.86 -23.71 -21.86
N PHE A 54 4.69 -22.52 -22.46
CA PHE A 54 5.22 -22.19 -23.79
C PHE A 54 6.23 -21.05 -23.78
N LEU A 55 7.23 -21.15 -24.67
CA LEU A 55 8.24 -20.12 -24.90
C LEU A 55 7.86 -19.43 -26.22
N ILE A 56 7.62 -18.11 -26.16
CA ILE A 56 7.14 -17.28 -27.27
C ILE A 56 8.12 -16.18 -27.64
N ASP A 57 8.41 -15.98 -28.96
CA ASP A 57 9.23 -14.87 -29.46
C ASP A 57 8.26 -13.70 -29.62
N TYR A 58 8.16 -12.83 -28.59
CA TYR A 58 7.24 -11.70 -28.59
C TYR A 58 7.55 -10.66 -29.68
N GLY A 59 8.81 -10.57 -30.12
CA GLY A 59 9.18 -9.65 -31.19
C GLY A 59 8.49 -9.98 -32.50
N SER A 60 8.44 -11.28 -32.83
CA SER A 60 7.79 -11.88 -33.99
C SER A 60 6.27 -11.70 -33.93
N VAL A 61 5.67 -11.95 -32.73
CA VAL A 61 4.24 -11.81 -32.43
C VAL A 61 3.80 -10.33 -32.52
N CYS A 62 4.62 -9.39 -31.98
CA CYS A 62 4.37 -7.94 -32.03
C CYS A 62 4.48 -7.42 -33.45
N TYR A 63 5.39 -7.99 -34.26
CA TYR A 63 5.59 -7.62 -35.67
C TYR A 63 4.36 -8.00 -36.45
N GLU A 64 3.86 -9.24 -36.25
CA GLU A 64 2.65 -9.73 -36.90
C GLU A 64 1.42 -8.96 -36.43
N LEU A 65 1.39 -8.54 -35.15
CA LEU A 65 0.30 -7.75 -34.56
C LEU A 65 0.25 -6.31 -35.11
N PHE A 66 1.40 -5.58 -35.10
CA PHE A 66 1.42 -4.18 -35.60
C PHE A 66 1.27 -4.09 -37.13
N TYR A 67 1.57 -5.18 -37.86
CA TYR A 67 1.35 -5.24 -39.32
C TYR A 67 -0.15 -5.46 -39.54
N GLN A 68 -0.78 -6.31 -38.70
CA GLN A 68 -2.21 -6.65 -38.71
C GLN A 68 -3.11 -5.45 -38.41
N ILE A 69 -2.77 -4.64 -37.36
CA ILE A 69 -3.53 -3.45 -36.96
C ILE A 69 -3.47 -2.40 -38.07
N GLY A 70 -2.28 -2.25 -38.66
CA GLY A 70 -2.03 -1.32 -39.77
C GLY A 70 -2.83 -1.67 -41.01
N LEU A 71 -3.03 -2.97 -41.27
CA LEU A 71 -3.79 -3.47 -42.41
C LEU A 71 -5.29 -3.26 -42.26
N THR A 72 -5.84 -3.61 -41.07
CA THR A 72 -7.27 -3.50 -40.77
C THR A 72 -7.69 -2.05 -40.54
N ASP A 73 -6.88 -1.27 -39.79
CA ASP A 73 -7.14 0.14 -39.50
C ASP A 73 -6.50 1.12 -40.51
N PHE A 74 -6.31 0.67 -41.77
CA PHE A 74 -5.70 1.45 -42.86
C PHE A 74 -6.48 2.73 -43.19
N ALA A 75 -5.74 3.88 -43.22
CA ALA A 75 -6.21 5.25 -43.48
C ALA A 75 -7.20 5.80 -42.42
N ASN A 76 -7.26 5.17 -41.23
CA ASN A 76 -8.13 5.55 -40.13
C ASN A 76 -7.38 5.67 -38.79
N PHE A 77 -6.06 5.89 -38.88
CA PHE A 77 -5.16 5.98 -37.72
C PHE A 77 -5.24 7.28 -36.94
N GLY A 78 -4.81 7.22 -35.68
CA GLY A 78 -4.70 8.37 -34.79
C GLY A 78 -3.37 9.07 -35.01
N LYS A 79 -3.02 10.02 -34.14
CA LYS A 79 -1.76 10.76 -34.29
C LYS A 79 -0.98 10.90 -32.99
N ILE A 80 0.35 10.77 -33.08
CA ILE A 80 1.29 10.93 -31.95
C ILE A 80 2.11 12.21 -32.21
N ASN A 81 1.56 13.36 -31.79
CA ASN A 81 2.17 14.68 -31.98
C ASN A 81 3.38 14.91 -31.07
N LEU A 82 4.46 15.49 -31.62
CA LEU A 82 5.72 15.76 -30.92
C LEU A 82 6.05 17.26 -30.94
N SER A 88 8.99 22.57 -28.66
CA SER A 88 10.34 22.82 -28.16
C SER A 88 11.30 21.67 -28.50
N ASP A 89 10.98 20.42 -28.07
CA ASP A 89 11.79 19.22 -28.31
C ASP A 89 11.38 18.53 -29.62
N ASP A 90 11.69 19.18 -30.76
CA ASP A 90 11.35 18.71 -32.11
C ASP A 90 12.41 17.76 -32.72
N ILE A 91 11.98 16.93 -33.69
CA ILE A 91 12.82 15.94 -34.39
C ILE A 91 13.02 16.33 -35.86
N VAL A 92 14.29 16.50 -36.27
CA VAL A 92 14.67 16.87 -37.64
C VAL A 92 15.05 15.60 -38.41
N LEU A 93 14.56 15.46 -39.66
CA LEU A 93 14.83 14.29 -40.52
C LEU A 93 16.27 14.25 -41.02
N TYR A 94 16.85 15.42 -41.35
CA TYR A 94 18.23 15.55 -41.84
C TYR A 94 19.28 15.22 -40.78
N ASN A 95 19.10 15.73 -39.55
CA ASN A 95 20.03 15.50 -38.42
C ASN A 95 19.89 14.08 -37.85
N LEU A 96 18.75 13.40 -38.12
CA LEU A 96 18.46 12.05 -37.65
C LEU A 96 19.31 11.00 -38.37
N LEU A 97 19.58 11.20 -39.67
CA LEU A 97 20.37 10.31 -40.52
C LEU A 97 21.90 10.43 -40.33
N SER A 98 22.34 11.26 -39.36
CA SER A 98 23.76 11.47 -39.04
C SER A 98 24.39 10.24 -38.39
N GLU A 99 23.57 9.36 -37.80
CA GLU A 99 23.96 8.11 -37.14
C GLU A 99 24.48 7.05 -38.13
N PHE A 100 24.53 7.40 -39.42
CA PHE A 100 24.99 6.53 -40.51
C PHE A 100 26.25 7.11 -41.17
N ASP A 101 27.39 6.42 -41.00
CA ASP A 101 28.70 6.79 -41.56
C ASP A 101 28.72 6.51 -43.06
N GLU A 102 27.90 5.54 -43.51
CA GLU A 102 27.73 5.12 -44.91
C GLU A 102 27.37 6.30 -45.80
N LEU A 103 26.47 7.18 -45.32
CA LEU A 103 26.04 8.37 -46.04
C LEU A 103 27.11 9.47 -45.91
N ASN A 104 28.20 9.32 -46.68
CA ASN A 104 29.36 10.20 -46.70
C ASN A 104 29.18 11.39 -47.67
N ASP A 105 27.93 11.70 -48.03
CA ASP A 105 27.59 12.79 -48.94
C ASP A 105 26.28 13.47 -48.55
N ASP A 106 26.11 14.73 -48.97
CA ASP A 106 24.89 15.51 -48.70
C ASP A 106 23.77 15.06 -49.62
N ALA A 107 24.09 14.82 -50.92
CA ALA A 107 23.17 14.35 -51.97
C ALA A 107 22.55 12.98 -51.66
N SER A 108 23.25 12.13 -50.87
CA SER A 108 22.79 10.80 -50.45
C SER A 108 21.75 10.92 -49.33
N LYS A 109 22.00 11.84 -48.37
CA LYS A 109 21.11 12.13 -47.23
C LYS A 109 19.86 12.86 -47.71
N GLU A 110 20.02 13.73 -48.75
CA GLU A 110 18.94 14.51 -49.35
C GLU A 110 18.01 13.68 -50.23
N LYS A 111 18.54 12.61 -50.86
CA LYS A 111 17.78 11.71 -51.75
C LYS A 111 16.73 10.88 -51.00
N ILE A 112 16.97 10.59 -49.71
CA ILE A 112 16.04 9.83 -48.86
C ILE A 112 14.81 10.71 -48.57
N ILE A 113 15.05 11.94 -48.11
CA ILE A 113 14.05 12.96 -47.76
C ILE A 113 13.18 13.34 -48.97
N SER A 114 13.79 13.47 -50.17
CA SER A 114 13.13 13.82 -51.43
C SER A 114 11.96 12.90 -51.78
N LYS A 115 12.18 11.56 -51.73
CA LYS A 115 11.18 10.53 -52.01
C LYS A 115 10.04 10.57 -51.00
N ILE A 116 10.38 10.79 -49.71
CA ILE A 116 9.43 10.84 -48.60
C ILE A 116 8.57 12.11 -48.64
N TRP A 117 9.17 13.31 -48.81
CA TRP A 117 8.43 14.58 -48.86
C TRP A 117 7.47 14.65 -50.04
N ASP A 118 7.85 14.09 -51.21
CA ASP A 118 6.98 14.06 -52.40
C ASP A 118 5.72 13.24 -52.13
N MET A 119 5.87 12.15 -51.36
CA MET A 119 4.80 11.24 -50.98
C MET A 119 4.20 11.59 -49.60
N SER A 120 4.47 12.81 -49.08
CA SER A 120 3.98 13.27 -47.77
C SER A 120 2.45 13.35 -47.69
N SER A 121 1.79 13.74 -48.81
CA SER A 121 0.33 13.84 -48.90
C SER A 121 -0.30 12.45 -48.75
N MET A 122 0.33 11.43 -49.38
CA MET A 122 -0.06 10.02 -49.32
C MET A 122 0.23 9.46 -47.90
N LEU A 123 1.44 9.72 -47.37
CA LEU A 123 1.88 9.25 -46.06
C LEU A 123 1.07 9.83 -44.90
N ASN A 124 0.56 11.06 -45.04
CA ASN A 124 -0.25 11.74 -44.02
C ASN A 124 -1.71 11.27 -44.05
N GLU A 125 -2.23 10.94 -45.25
CA GLU A 125 -3.61 10.52 -45.49
C GLU A 125 -3.86 9.04 -45.15
N TYR A 126 -3.10 8.13 -45.80
CA TYR A 126 -3.23 6.67 -45.70
C TYR A 126 -2.56 6.01 -44.48
N TYR A 127 -1.61 6.71 -43.83
CA TYR A 127 -0.87 6.16 -42.68
C TYR A 127 -0.81 7.04 -41.44
N SER A 128 -1.21 8.34 -41.56
CA SER A 128 -1.16 9.34 -40.49
C SER A 128 0.30 9.69 -40.09
N ILE A 129 1.22 9.59 -41.07
CA ILE A 129 2.65 9.96 -40.94
C ILE A 129 2.73 11.39 -41.47
N GLU A 130 2.47 12.37 -40.58
CA GLU A 130 2.46 13.79 -40.91
C GLU A 130 3.87 14.34 -41.07
N LEU A 131 4.17 14.88 -42.26
CA LEU A 131 5.45 15.47 -42.62
C LEU A 131 5.22 16.94 -42.96
N VAL A 132 5.79 17.84 -42.16
CA VAL A 132 5.63 19.29 -42.31
C VAL A 132 6.99 19.97 -42.57
N ASN A 133 7.05 20.80 -43.63
CA ASN A 133 8.23 21.57 -44.01
C ASN A 133 7.98 23.05 -43.68
N ASP A 134 9.02 23.73 -43.15
CA ASP A 134 8.95 25.14 -42.78
C ASP A 134 9.63 26.08 -43.80
N GLY A 135 10.73 25.62 -44.40
CA GLY A 135 11.47 26.37 -45.40
C GLY A 135 10.91 26.27 -46.80
N LEU A 136 11.77 26.46 -47.81
CA LEU A 136 11.40 26.38 -49.23
C LEU A 136 11.00 24.96 -49.64
N ASP A 137 10.12 24.83 -50.66
CA ASP A 137 9.63 23.56 -51.20
C ASP A 137 10.77 22.67 -51.73
N ASN A 138 11.80 23.31 -52.32
CA ASN A 138 12.98 22.66 -52.88
C ASN A 138 13.99 22.27 -51.77
N ASP A 139 14.01 23.03 -50.66
CA ASP A 139 14.89 22.79 -49.50
C ASP A 139 14.46 21.51 -48.77
N LEU A 140 15.44 20.73 -48.29
CA LEU A 140 15.18 19.46 -47.61
C LEU A 140 15.65 19.39 -46.16
N LYS A 141 16.62 20.24 -45.77
CA LYS A 141 17.19 20.29 -44.41
C LYS A 141 16.15 20.68 -43.35
N SER A 142 15.14 21.49 -43.74
CA SER A 142 14.08 22.00 -42.89
C SER A 142 12.88 21.04 -42.72
N VAL A 143 12.86 19.91 -43.47
CA VAL A 143 11.76 18.93 -43.41
C VAL A 143 11.82 18.12 -42.10
N LYS A 144 10.72 18.14 -41.33
CA LYS A 144 10.57 17.46 -40.04
C LYS A 144 9.37 16.48 -40.05
N LEU A 145 9.11 15.81 -38.91
CA LEU A 145 8.02 14.86 -38.75
C LEU A 145 7.07 15.30 -37.62
N LYS A 146 5.82 15.66 -37.99
CA LYS A 146 4.80 16.12 -37.04
C LYS A 146 4.23 14.98 -36.17
N SER A 147 3.59 13.97 -36.80
CA SER A 147 2.97 12.88 -36.04
C SER A 147 3.05 11.49 -36.71
N LEU A 148 3.10 10.45 -35.87
CA LEU A 148 3.14 9.03 -36.24
C LEU A 148 1.80 8.33 -35.91
N PRO A 149 1.40 7.25 -36.64
CA PRO A 149 0.12 6.59 -36.33
C PRO A 149 0.07 5.91 -34.97
N LEU A 150 -1.07 6.00 -34.28
CA LEU A 150 -1.32 5.37 -32.98
C LEU A 150 -2.15 4.11 -33.21
N LEU A 151 -1.47 2.96 -33.33
CA LEU A 151 -2.08 1.65 -33.56
C LEU A 151 -2.73 1.12 -32.28
N LEU A 152 -2.02 1.25 -31.15
CA LEU A 152 -2.47 0.76 -29.84
C LEU A 152 -2.51 1.90 -28.82
N LYS A 153 -3.65 2.08 -28.13
CA LYS A 153 -3.84 3.10 -27.09
C LYS A 153 -2.97 2.72 -25.89
N GLY A 154 -2.28 3.73 -25.35
CA GLY A 154 -1.38 3.55 -24.22
C GLY A 154 -0.07 2.87 -24.60
N TYR A 155 0.35 3.05 -25.86
CA TYR A 155 1.60 2.50 -26.38
C TYR A 155 2.28 3.45 -27.37
N ILE A 156 3.39 4.04 -26.91
CA ILE A 156 4.23 4.94 -27.70
C ILE A 156 5.50 4.15 -28.03
N PRO A 157 5.81 3.94 -29.34
CA PRO A 157 7.01 3.15 -29.68
C PRO A 157 8.33 3.85 -29.36
N SER A 158 9.43 3.07 -29.33
CA SER A 158 10.76 3.59 -29.03
C SER A 158 11.32 4.27 -30.27
N LEU A 159 11.77 5.54 -30.11
CA LEU A 159 12.32 6.37 -31.19
C LEU A 159 13.81 6.09 -31.49
N VAL A 160 14.35 4.99 -30.92
CA VAL A 160 15.72 4.50 -31.11
C VAL A 160 15.82 3.99 -32.55
N LYS A 161 14.74 3.36 -33.04
CA LYS A 161 14.58 2.77 -34.38
C LYS A 161 14.08 3.79 -35.44
N LEU A 162 13.74 5.02 -35.02
CA LEU A 162 13.24 6.10 -35.89
C LEU A 162 14.25 6.53 -36.98
N PRO A 163 15.58 6.69 -36.73
CA PRO A 163 16.49 7.04 -37.84
C PRO A 163 16.60 5.90 -38.85
N PHE A 164 16.51 4.64 -38.35
CA PHE A 164 16.53 3.42 -39.15
C PHE A 164 15.25 3.29 -39.96
N PHE A 165 14.12 3.78 -39.41
CA PHE A 165 12.80 3.77 -40.05
C PHE A 165 12.77 4.73 -41.23
N ILE A 166 13.42 5.89 -41.09
CA ILE A 166 13.49 6.90 -42.14
C ILE A 166 14.48 6.46 -43.23
N TYR A 167 15.60 5.80 -42.83
CA TYR A 167 16.62 5.29 -43.74
C TYR A 167 16.03 4.20 -44.66
N ARG A 168 15.26 3.26 -44.07
CA ARG A 168 14.57 2.16 -44.76
C ARG A 168 13.30 2.63 -45.46
N LEU A 169 12.82 3.86 -45.14
CA LEU A 169 11.63 4.44 -45.77
C LEU A 169 11.96 4.97 -47.17
N GLY A 170 13.20 5.39 -47.37
CA GLY A 170 13.66 5.93 -48.64
C GLY A 170 14.48 4.95 -49.46
N LYS A 171 15.42 4.24 -48.80
CA LYS A 171 16.34 3.28 -49.43
C LYS A 171 15.74 1.86 -49.57
N GLU A 172 14.82 1.43 -48.69
CA GLU A 172 14.22 0.08 -48.81
C GLU A 172 12.88 0.10 -49.55
N VAL A 173 11.88 0.88 -49.06
CA VAL A 173 10.54 1.02 -49.64
C VAL A 173 10.60 1.36 -51.14
N ASP A 174 9.91 0.53 -51.95
CA ASP A 174 9.79 0.65 -53.40
C ASP A 174 8.57 1.54 -53.72
N TRP A 175 8.80 2.75 -54.24
CA TRP A 175 7.75 3.72 -54.56
C TRP A 175 7.26 3.66 -56.01
N GLU A 176 7.47 2.51 -56.68
CA GLU A 176 7.13 2.33 -58.10
C GLU A 176 6.03 1.27 -58.38
N ASP A 177 5.47 0.67 -57.32
CA ASP A 177 4.37 -0.30 -57.41
C ASP A 177 3.47 -0.12 -56.20
N GLU A 178 2.15 0.02 -56.42
CA GLU A 178 1.16 0.26 -55.37
C GLU A 178 1.19 -0.77 -54.22
N GLN A 179 0.95 -2.06 -54.51
CA GLN A 179 0.92 -3.11 -53.49
C GLN A 179 2.23 -3.23 -52.71
N GLU A 180 3.39 -3.29 -53.42
CA GLU A 180 4.74 -3.41 -52.83
C GLU A 180 5.16 -2.21 -52.00
N CYS A 181 4.62 -1.01 -52.34
CA CYS A 181 4.86 0.24 -51.63
C CYS A 181 4.10 0.19 -50.31
N LEU A 182 2.80 -0.13 -50.36
CA LEU A 182 1.92 -0.20 -49.20
C LEU A 182 2.27 -1.35 -48.26
N ASP A 183 2.72 -2.51 -48.82
CA ASP A 183 3.16 -3.68 -48.06
C ASP A 183 4.44 -3.36 -47.32
N GLY A 184 5.36 -2.66 -48.01
CA GLY A 184 6.65 -2.21 -47.49
C GLY A 184 6.56 -1.22 -46.36
N ILE A 185 5.65 -0.21 -46.47
CA ILE A 185 5.42 0.82 -45.44
C ILE A 185 4.87 0.19 -44.13
N LEU A 186 3.88 -0.71 -44.24
CA LEU A 186 3.28 -1.41 -43.09
C LEU A 186 4.32 -2.28 -42.38
N ARG A 187 5.22 -2.92 -43.16
CA ARG A 187 6.36 -3.72 -42.68
C ARG A 187 7.35 -2.81 -41.94
N GLU A 188 7.58 -1.58 -42.46
CA GLU A 188 8.47 -0.60 -41.85
C GLU A 188 7.91 0.00 -40.56
N ILE A 189 6.56 0.14 -40.45
CA ILE A 189 5.90 0.66 -39.25
C ILE A 189 5.98 -0.38 -38.15
N ALA A 190 5.59 -1.64 -38.44
CA ALA A 190 5.63 -2.75 -37.48
C ALA A 190 7.05 -2.96 -36.93
N LEU A 191 8.10 -2.87 -37.80
CA LEU A 191 9.50 -2.99 -37.41
C LEU A 191 9.92 -1.91 -36.41
N LEU A 192 9.38 -0.69 -36.56
CA LEU A 192 9.62 0.44 -35.66
C LEU A 192 8.84 0.24 -34.34
N TYR A 193 7.55 -0.12 -34.47
CA TYR A 193 6.59 -0.32 -33.40
C TYR A 193 6.92 -1.46 -32.43
N ILE A 194 7.60 -2.54 -32.88
CA ILE A 194 7.96 -3.66 -31.99
C ILE A 194 8.88 -3.20 -30.86
N PRO A 195 8.74 -3.73 -29.62
CA PRO A 195 9.64 -3.27 -28.54
C PRO A 195 11.11 -3.59 -28.82
N ASP A 196 12.00 -2.62 -28.55
CA ASP A 196 13.46 -2.72 -28.76
C ASP A 196 14.09 -3.91 -28.05
N MET A 197 15.24 -4.36 -28.54
CA MET A 197 16.00 -5.43 -27.91
C MET A 197 16.93 -4.81 -26.87
N VAL A 198 17.03 -5.43 -25.68
CA VAL A 198 17.90 -4.96 -24.61
C VAL A 198 19.08 -5.93 -24.55
N PRO A 199 20.24 -5.57 -25.12
CA PRO A 199 21.38 -6.50 -25.12
C PRO A 199 21.96 -6.64 -23.71
N LYS A 200 22.25 -7.90 -23.32
CA LYS A 200 22.78 -8.23 -21.99
C LYS A 200 24.05 -7.46 -21.64
N VAL A 201 23.99 -6.76 -20.50
CA VAL A 201 25.08 -5.96 -19.95
C VAL A 201 25.58 -6.69 -18.70
N ASP A 202 26.91 -6.96 -18.60
CA ASP A 202 27.50 -7.67 -17.46
C ASP A 202 27.52 -6.80 -16.20
N THR A 203 26.56 -7.07 -15.30
CA THR A 203 26.37 -6.37 -14.02
C THR A 203 27.50 -6.68 -13.04
N SER A 204 27.91 -7.97 -12.95
CA SER A 204 28.97 -8.48 -12.06
C SER A 204 30.36 -7.88 -12.36
N ASP A 205 30.56 -7.37 -13.60
CA ASP A 205 31.79 -6.72 -14.07
C ASP A 205 31.98 -5.37 -13.37
N ALA A 206 33.18 -5.12 -12.83
CA ALA A 206 33.52 -3.89 -12.13
C ALA A 206 33.94 -2.75 -13.06
N SER A 207 34.32 -3.07 -14.32
CA SER A 207 34.77 -2.12 -15.35
C SER A 207 33.70 -1.13 -15.82
N LEU A 208 32.41 -1.54 -15.78
CA LEU A 208 31.27 -0.71 -16.20
C LEU A 208 30.75 0.21 -15.09
N SER A 209 30.37 1.45 -15.45
CA SER A 209 29.86 2.47 -14.54
C SER A 209 28.46 2.12 -13.98
N GLU A 210 28.09 2.75 -12.83
CA GLU A 210 26.79 2.56 -12.16
C GLU A 210 25.60 3.02 -13.00
N ASP A 211 25.77 4.14 -13.75
CA ASP A 211 24.73 4.70 -14.62
C ASP A 211 24.39 3.80 -15.81
N GLU A 212 25.39 3.07 -16.35
CA GLU A 212 25.23 2.12 -17.46
C GLU A 212 24.42 0.91 -16.98
N LYS A 213 24.71 0.45 -15.75
CA LYS A 213 24.07 -0.66 -15.08
C LYS A 213 22.62 -0.33 -14.74
N ALA A 214 22.37 0.92 -14.27
CA ALA A 214 21.04 1.40 -13.88
C ALA A 214 20.10 1.57 -15.06
N GLN A 215 20.58 2.11 -16.21
CA GLN A 215 19.74 2.32 -17.39
C GLN A 215 19.35 0.98 -18.04
N PHE A 216 20.23 -0.03 -17.95
CA PHE A 216 19.98 -1.38 -18.48
C PHE A 216 18.86 -2.04 -17.66
N ILE A 217 18.84 -1.81 -16.33
CA ILE A 217 17.81 -2.32 -15.42
C ILE A 217 16.48 -1.66 -15.78
N ASN A 218 16.47 -0.33 -15.98
CA ASN A 218 15.28 0.44 -16.33
C ASN A 218 14.71 0.04 -17.69
N ARG A 219 15.59 -0.33 -18.65
CA ARG A 219 15.20 -0.79 -19.98
C ARG A 219 14.40 -2.11 -19.81
N LYS A 220 14.95 -3.05 -19.00
CA LYS A 220 14.34 -4.33 -18.65
C LYS A 220 12.98 -4.13 -17.95
N GLU A 221 12.91 -3.17 -17.00
CA GLU A 221 11.69 -2.85 -16.24
C GLU A 221 10.58 -2.39 -17.17
N HIS A 222 10.92 -1.48 -18.10
CA HIS A 222 10.03 -0.88 -19.08
C HIS A 222 9.45 -1.89 -20.07
N ILE A 223 10.26 -2.88 -20.50
CA ILE A 223 9.79 -3.92 -21.43
C ILE A 223 8.82 -4.89 -20.73
N SER A 224 9.16 -5.34 -19.49
CA SER A 224 8.30 -6.24 -18.73
C SER A 224 6.91 -5.62 -18.48
N SER A 225 6.89 -4.33 -18.05
CA SER A 225 5.69 -3.54 -17.76
C SER A 225 4.80 -3.36 -18.99
N LEU A 226 5.41 -3.10 -20.15
CA LEU A 226 4.77 -2.91 -21.46
C LEU A 226 4.07 -4.20 -21.89
N LEU A 227 4.76 -5.35 -21.72
CA LEU A 227 4.28 -6.67 -22.10
C LEU A 227 3.12 -7.14 -21.22
N GLU A 228 3.24 -6.94 -19.90
CA GLU A 228 2.23 -7.34 -18.93
C GLU A 228 0.94 -6.51 -19.03
N HIS A 229 1.06 -5.20 -19.28
CA HIS A 229 -0.08 -4.31 -19.25
C HIS A 229 -0.62 -3.83 -20.61
N VAL A 230 0.24 -3.71 -21.64
CA VAL A 230 -0.24 -3.17 -22.91
C VAL A 230 -0.20 -4.18 -24.07
N LEU A 231 0.97 -4.82 -24.28
CA LEU A 231 1.23 -5.72 -25.39
C LEU A 231 0.49 -7.06 -25.30
N PHE A 232 0.74 -7.88 -24.25
CA PHE A 232 0.08 -9.20 -24.13
C PHE A 232 -1.46 -9.12 -23.96
N PRO A 233 -2.10 -8.16 -23.24
CA PRO A 233 -3.57 -8.12 -23.21
C PRO A 233 -4.16 -7.98 -24.61
N CYS A 234 -3.54 -7.13 -25.44
CA CYS A 234 -3.94 -6.88 -26.82
C CYS A 234 -3.77 -8.13 -27.69
N ILE A 235 -2.64 -8.86 -27.51
CA ILE A 235 -2.31 -10.10 -28.23
C ILE A 235 -3.39 -11.17 -27.95
N LYS A 236 -3.79 -11.32 -26.68
CA LYS A 236 -4.82 -12.29 -26.26
C LYS A 236 -6.23 -11.93 -26.78
N ARG A 237 -6.46 -10.67 -27.21
CA ARG A 237 -7.76 -10.21 -27.69
C ARG A 237 -7.97 -10.22 -29.20
N ARG A 238 -7.00 -9.71 -29.97
CA ARG A 238 -7.16 -9.55 -31.42
C ARG A 238 -6.13 -10.27 -32.32
N PHE A 239 -5.03 -10.81 -31.74
CA PHE A 239 -3.98 -11.43 -32.56
C PHE A 239 -4.41 -12.75 -33.21
N LEU A 240 -4.23 -12.81 -34.54
CA LEU A 240 -4.50 -13.97 -35.37
C LEU A 240 -3.13 -14.51 -35.82
N ALA A 241 -2.72 -15.65 -35.26
CA ALA A 241 -1.41 -16.26 -35.52
C ALA A 241 -1.27 -16.86 -36.92
N PRO A 242 -0.31 -16.37 -37.74
CA PRO A 242 -0.11 -16.98 -39.06
C PRO A 242 0.75 -18.24 -38.96
N ARG A 243 0.49 -19.24 -39.83
CA ARG A 243 1.20 -20.53 -39.91
C ARG A 243 2.73 -20.41 -39.78
N HIS A 244 3.34 -19.38 -40.41
CA HIS A 244 4.79 -19.17 -40.42
C HIS A 244 5.38 -18.87 -39.04
N ILE A 245 4.56 -18.36 -38.10
CA ILE A 245 4.99 -18.03 -36.74
C ILE A 245 5.05 -19.29 -35.84
N LEU A 246 4.58 -20.47 -36.34
CA LEU A 246 4.55 -21.73 -35.60
C LEU A 246 5.88 -22.15 -34.98
N LYS A 247 7.01 -21.83 -35.63
CA LYS A 247 8.35 -22.15 -35.12
C LYS A 247 8.73 -21.30 -33.90
N ASP A 248 8.04 -20.16 -33.68
CA ASP A 248 8.30 -19.22 -32.57
C ASP A 248 7.41 -19.47 -31.32
N VAL A 249 6.65 -20.59 -31.32
CA VAL A 249 5.76 -21.05 -30.23
C VAL A 249 6.21 -22.49 -29.87
N VAL A 250 6.99 -22.61 -28.78
CA VAL A 250 7.60 -23.88 -28.35
C VAL A 250 7.08 -24.29 -26.97
N GLU A 251 6.72 -25.57 -26.79
CA GLU A 251 6.29 -26.09 -25.48
C GLU A 251 7.54 -26.46 -24.68
N ILE A 252 7.78 -25.77 -23.55
CA ILE A 252 8.96 -25.99 -22.71
C ILE A 252 8.68 -26.98 -21.55
N ALA A 253 7.40 -27.14 -21.16
CA ALA A 253 6.97 -28.06 -20.11
C ALA A 253 5.50 -28.41 -20.17
N ASN A 254 5.18 -29.69 -19.87
CA ASN A 254 3.83 -30.20 -19.74
C ASN A 254 3.68 -30.35 -18.22
N LEU A 255 2.95 -29.42 -17.58
CA LEU A 255 2.79 -29.34 -16.13
C LEU A 255 2.23 -30.61 -15.45
N PRO A 256 1.26 -31.40 -16.02
CA PRO A 256 0.85 -32.66 -15.36
C PRO A 256 2.02 -33.58 -14.99
N ASP A 257 3.08 -33.64 -15.86
CA ASP A 257 4.29 -34.44 -15.62
C ASP A 257 5.06 -33.94 -14.40
N LEU A 258 5.09 -32.62 -14.18
CA LEU A 258 5.77 -32.02 -13.03
C LEU A 258 5.02 -32.26 -11.72
N TYR A 259 3.67 -32.40 -11.77
CA TYR A 259 2.82 -32.64 -10.58
C TYR A 259 3.21 -33.93 -9.87
N LYS A 260 3.63 -34.98 -10.64
CA LYS A 260 4.06 -36.29 -10.14
C LYS A 260 5.34 -36.18 -9.29
N VAL A 261 6.27 -35.28 -9.69
CA VAL A 261 7.56 -35.00 -9.02
C VAL A 261 7.35 -34.46 -7.60
N PHE A 262 6.27 -33.66 -7.42
CA PHE A 262 5.96 -33.03 -6.13
C PHE A 262 4.56 -33.41 -5.62
N GLU A 263 4.03 -34.57 -6.08
CA GLU A 263 2.71 -35.12 -5.72
C GLU A 263 2.62 -35.37 -4.23
N ARG A 264 3.63 -36.08 -3.68
CA ARG A 264 3.75 -36.40 -2.26
C ARG A 264 4.98 -35.66 -1.75
N CYS A 265 4.77 -34.75 -0.79
CA CYS A 265 5.84 -33.94 -0.21
C CYS A 265 6.65 -34.75 0.82
N GLY B 1 47.43 -25.31 -0.75
CA GLY B 1 46.05 -25.57 -0.36
C GLY B 1 45.16 -25.99 -1.50
N LYS B 2 44.70 -27.26 -1.47
CA LYS B 2 43.84 -27.86 -2.50
C LYS B 2 42.43 -28.09 -1.96
N THR B 3 41.41 -27.84 -2.80
CA THR B 3 39.99 -28.01 -2.48
C THR B 3 39.22 -28.63 -3.66
N ILE B 4 38.17 -29.43 -3.36
CA ILE B 4 37.33 -30.08 -4.38
C ILE B 4 36.44 -29.01 -5.05
N THR B 5 36.76 -28.70 -6.33
CA THR B 5 36.13 -27.69 -7.17
C THR B 5 34.63 -27.90 -7.43
N ASP B 6 34.12 -29.16 -7.32
CA ASP B 6 32.72 -29.50 -7.56
C ASP B 6 31.74 -28.99 -6.50
N PHE B 7 32.21 -28.71 -5.26
CA PHE B 7 31.38 -28.19 -4.17
C PHE B 7 30.96 -26.73 -4.38
N SER B 8 31.88 -25.93 -4.96
CA SER B 8 31.70 -24.50 -5.24
C SER B 8 30.76 -24.20 -6.42
N ILE B 9 30.79 -25.05 -7.47
CA ILE B 9 29.99 -24.90 -8.70
C ILE B 9 28.47 -24.90 -8.39
N SER B 10 27.99 -25.90 -7.62
CA SER B 10 26.56 -26.06 -7.23
C SER B 10 25.94 -24.83 -6.54
N ARG B 11 26.71 -24.19 -5.63
CA ARG B 11 26.28 -23.00 -4.86
C ARG B 11 26.16 -21.74 -5.74
N SER B 12 27.18 -21.48 -6.58
CA SER B 12 27.26 -20.32 -7.48
C SER B 12 26.18 -20.31 -8.59
N VAL B 13 25.58 -21.49 -8.90
CA VAL B 13 24.54 -21.66 -9.92
C VAL B 13 23.27 -20.85 -9.54
N LEU B 14 22.60 -21.22 -8.43
CA LEU B 14 21.38 -20.56 -7.94
C LEU B 14 21.55 -19.08 -7.60
N ALA B 15 22.78 -18.68 -7.22
CA ALA B 15 23.13 -17.29 -6.90
C ALA B 15 23.06 -16.37 -8.13
N LYS B 16 23.20 -16.95 -9.35
CA LYS B 16 23.12 -16.21 -10.62
C LYS B 16 21.78 -16.47 -11.36
N TYR B 17 20.66 -16.45 -10.59
CA TYR B 17 19.30 -16.69 -11.10
C TYR B 17 18.34 -15.52 -10.83
N GLU B 18 17.56 -15.16 -11.86
CA GLU B 18 16.54 -14.10 -11.81
C GLU B 18 15.15 -14.72 -11.87
N VAL B 19 14.20 -14.19 -11.07
CA VAL B 19 12.84 -14.71 -11.00
C VAL B 19 12.02 -14.21 -12.18
N ILE B 20 11.30 -15.10 -12.86
CA ILE B 20 10.38 -14.70 -13.92
C ILE B 20 9.06 -14.33 -13.21
N ASN B 21 8.29 -15.33 -12.73
CA ASN B 21 7.03 -15.12 -11.99
C ASN B 21 6.44 -16.48 -11.57
N GLN B 22 5.36 -16.46 -10.76
CA GLN B 22 4.64 -17.65 -10.32
C GLN B 22 3.97 -18.31 -11.51
N VAL B 23 3.97 -19.65 -11.54
CA VAL B 23 3.35 -20.46 -12.60
C VAL B 23 2.27 -21.36 -11.96
N ASP B 24 1.01 -21.27 -12.45
CA ASP B 24 -0.13 -22.14 -12.07
C ASP B 24 -0.42 -22.20 -10.55
N LYS B 25 0.09 -21.23 -9.78
CA LYS B 25 -0.06 -21.13 -8.32
C LYS B 25 0.61 -22.34 -7.61
N LYS B 26 1.63 -22.94 -8.27
CA LYS B 26 2.33 -24.12 -7.76
C LYS B 26 3.87 -24.03 -7.85
N PHE B 27 4.38 -23.19 -8.77
CA PHE B 27 5.81 -23.05 -9.02
C PHE B 27 6.27 -21.62 -9.10
N ILE B 28 7.58 -21.43 -9.16
CA ILE B 28 8.25 -20.15 -9.36
C ILE B 28 9.22 -20.41 -10.49
N LEU B 29 8.92 -19.85 -11.68
CA LEU B 29 9.79 -20.00 -12.84
C LEU B 29 10.94 -19.01 -12.71
N ILE B 30 12.17 -19.53 -12.79
CA ILE B 30 13.43 -18.79 -12.67
C ILE B 30 14.31 -18.95 -13.93
N ARG B 31 15.18 -17.96 -14.20
CA ARG B 31 16.11 -17.98 -15.35
C ARG B 31 17.55 -17.71 -14.89
N CYS B 32 18.53 -18.41 -15.46
CA CYS B 32 19.95 -18.26 -15.14
C CYS B 32 20.53 -16.92 -15.60
N GLN B 35 25.22 -15.87 -20.18
CA GLN B 35 26.69 -15.82 -20.12
C GLN B 35 27.25 -16.84 -19.12
N SER B 36 28.37 -17.49 -19.51
CA SER B 36 29.10 -18.52 -18.74
C SER B 36 28.19 -19.67 -18.25
N ILE B 37 27.58 -20.39 -19.22
CA ILE B 37 26.68 -21.52 -18.96
C ILE B 37 27.37 -22.87 -19.16
N HIS B 38 28.02 -23.37 -18.10
CA HIS B 38 28.73 -24.66 -18.10
C HIS B 38 27.78 -25.77 -17.68
N ASN B 39 27.10 -25.59 -16.52
CA ASN B 39 26.12 -26.51 -15.96
C ASN B 39 25.17 -25.71 -15.04
N CYS B 40 24.35 -24.83 -15.65
CA CYS B 40 23.40 -23.97 -14.92
C CYS B 40 22.05 -23.83 -15.63
N LEU B 42 19.09 -23.27 -18.00
CA LEU B 42 18.57 -21.92 -18.23
C LEU B 42 17.25 -21.65 -17.47
N LEU B 43 16.18 -22.41 -17.76
CA LEU B 43 14.90 -22.23 -17.06
C LEU B 43 14.67 -23.34 -16.06
N VAL B 44 14.38 -22.96 -14.81
CA VAL B 44 14.14 -23.91 -13.72
C VAL B 44 12.78 -23.60 -13.07
N LEU B 45 11.99 -24.66 -12.79
CA LEU B 45 10.71 -24.55 -12.10
C LEU B 45 10.91 -25.00 -10.66
N VAL B 46 10.71 -24.09 -9.71
CA VAL B 46 10.89 -24.34 -8.28
C VAL B 46 9.53 -24.57 -7.63
N ASP B 47 9.37 -25.70 -6.92
CA ASP B 47 8.16 -26.04 -6.16
C ASP B 47 8.10 -25.04 -4.98
N GLN B 48 7.07 -24.19 -4.96
CA GLN B 48 6.92 -23.14 -3.95
C GLN B 48 6.81 -23.68 -2.53
N HIS B 49 6.10 -24.81 -2.34
CA HIS B 49 5.93 -25.42 -1.03
C HIS B 49 7.26 -25.94 -0.50
N ALA B 50 7.99 -26.73 -1.35
CA ALA B 50 9.31 -27.27 -1.03
C ALA B 50 10.31 -26.16 -0.76
N CYS B 51 10.22 -25.06 -1.54
CA CYS B 51 11.08 -23.89 -1.37
C CYS B 51 10.89 -23.26 0.00
N ASP B 52 9.63 -22.89 0.36
CA ASP B 52 9.30 -22.27 1.64
C ASP B 52 9.63 -23.21 2.81
N GLU B 53 9.25 -24.50 2.69
CA GLU B 53 9.53 -25.53 3.69
C GLU B 53 11.04 -25.66 3.96
N ARG B 54 11.88 -25.61 2.90
CA ARG B 54 13.33 -25.69 3.02
C ARG B 54 13.91 -24.51 3.80
N ILE B 55 13.44 -23.29 3.51
CA ILE B 55 13.89 -22.08 4.21
C ILE B 55 13.53 -22.23 5.69
N ARG B 56 12.27 -22.60 5.94
CA ARG B 56 11.68 -22.78 7.26
C ARG B 56 12.40 -23.82 8.09
N LEU B 57 12.75 -24.99 7.49
CA LEU B 57 13.45 -26.08 8.18
C LEU B 57 14.85 -25.70 8.64
N GLU B 58 15.64 -25.07 7.75
CA GLU B 58 17.00 -24.61 8.05
C GLU B 58 16.99 -23.53 9.14
N GLU B 59 15.91 -22.71 9.18
CA GLU B 59 15.72 -21.69 10.20
C GLU B 59 15.41 -22.38 11.53
N LEU B 60 14.62 -23.48 11.46
CA LEU B 60 14.22 -24.29 12.62
C LEU B 60 15.42 -25.08 13.21
N PHE B 61 16.29 -25.63 12.32
CA PHE B 61 17.49 -26.36 12.70
C PHE B 61 18.52 -25.43 13.30
N TYR B 62 18.74 -24.23 12.70
CA TYR B 62 19.67 -23.20 13.19
C TYR B 62 19.28 -22.78 14.61
N SER B 63 17.97 -22.57 14.87
CA SER B 63 17.44 -22.15 16.17
C SER B 63 17.74 -23.19 17.24
N LEU B 64 17.38 -24.46 16.97
CA LEU B 64 17.55 -25.62 17.85
C LEU B 64 19.01 -25.80 18.23
N LEU B 65 19.89 -25.83 17.23
CA LEU B 65 21.31 -26.06 17.46
C LEU B 65 22.00 -24.89 18.14
N THR B 66 21.62 -23.63 17.83
CA THR B 66 22.19 -22.47 18.54
C THR B 66 21.76 -22.56 20.02
N GLU B 67 20.49 -22.97 20.29
CA GLU B 67 19.96 -23.18 21.63
C GLU B 67 20.73 -24.27 22.37
N VAL B 68 21.02 -25.40 21.69
CA VAL B 68 21.72 -26.55 22.28
C VAL B 68 23.20 -26.22 22.57
N VAL B 69 23.94 -25.71 21.56
CA VAL B 69 25.35 -25.33 21.65
C VAL B 69 25.59 -24.32 22.79
N THR B 70 24.85 -23.20 22.82
CA THR B 70 24.98 -22.15 23.84
C THR B 70 24.47 -22.54 25.24
N GLY B 71 23.76 -23.66 25.33
CA GLY B 71 23.19 -24.14 26.58
C GLY B 71 21.95 -23.39 26.99
N THR B 72 21.22 -22.86 26.00
CA THR B 72 19.99 -22.09 26.18
C THR B 72 18.74 -22.87 25.70
N PHE B 73 18.87 -24.20 25.51
CA PHE B 73 17.76 -25.05 25.07
C PHE B 73 16.82 -25.30 26.25
N VAL B 74 15.59 -24.77 26.15
CA VAL B 74 14.54 -24.82 27.18
C VAL B 74 14.12 -26.26 27.50
N ALA B 75 14.07 -26.59 28.81
CA ALA B 75 13.67 -27.90 29.33
C ALA B 75 12.58 -27.75 30.42
N ARG B 76 11.32 -28.00 30.04
CA ARG B 76 10.14 -27.93 30.90
C ARG B 76 10.17 -29.07 31.93
N ASP B 77 9.94 -28.75 33.22
CA ASP B 77 9.94 -29.72 34.32
C ASP B 77 8.74 -30.66 34.20
N LEU B 78 9.02 -31.97 34.20
CA LEU B 78 8.03 -33.03 34.09
C LEU B 78 7.79 -33.68 35.45
N LYS B 79 6.50 -33.80 35.85
CA LYS B 79 6.14 -34.42 37.14
C LYS B 79 5.59 -35.84 36.98
N ASP B 80 5.91 -36.70 37.97
CA ASP B 80 5.51 -38.10 38.12
C ASP B 80 5.52 -38.88 36.78
N CYS B 81 6.71 -38.97 36.15
CA CYS B 81 6.89 -39.72 34.92
C CYS B 81 7.99 -40.76 35.11
N CYS B 82 7.56 -42.03 35.24
CA CYS B 82 8.43 -43.19 35.45
C CYS B 82 8.06 -44.33 34.50
N ILE B 83 9.07 -44.89 33.82
CA ILE B 83 8.89 -45.97 32.85
C ILE B 83 9.69 -47.21 33.22
N GLU B 84 9.08 -48.41 33.06
CA GLU B 84 9.72 -49.69 33.31
C GLU B 84 10.72 -49.99 32.20
N VAL B 85 11.93 -50.42 32.58
CA VAL B 85 13.03 -50.75 31.66
C VAL B 85 13.74 -52.06 32.01
N ASP B 86 14.39 -52.69 31.02
CA ASP B 86 15.20 -53.91 31.16
C ASP B 86 16.49 -53.59 31.94
N ARG B 87 17.20 -54.62 32.44
CA ARG B 87 18.47 -54.45 33.14
C ARG B 87 19.47 -53.74 32.22
N THR B 88 19.61 -54.24 30.98
CA THR B 88 20.48 -53.69 29.93
C THR B 88 20.02 -52.31 29.46
N GLU B 89 18.69 -52.06 29.44
CA GLU B 89 18.09 -50.78 29.05
C GLU B 89 18.41 -49.73 30.12
N ALA B 90 18.35 -50.13 31.40
CA ALA B 90 18.68 -49.26 32.53
C ALA B 90 20.17 -48.89 32.49
N ASP B 91 21.03 -49.84 32.07
CA ASP B 91 22.48 -49.63 31.94
C ASP B 91 22.77 -48.65 30.78
N LEU B 92 22.10 -48.86 29.63
CA LEU B 92 22.21 -48.04 28.42
C LEU B 92 21.88 -46.58 28.70
N PHE B 93 20.80 -46.35 29.49
CA PHE B 93 20.37 -45.01 29.88
C PHE B 93 21.29 -44.39 30.91
N LYS B 94 21.85 -45.21 31.82
CA LYS B 94 22.79 -44.76 32.86
C LYS B 94 24.03 -44.16 32.19
N HIS B 95 24.55 -44.88 31.17
CA HIS B 95 25.71 -44.49 30.36
C HIS B 95 25.48 -43.15 29.62
N TYR B 96 24.40 -43.07 28.82
CA TYR B 96 24.11 -41.90 28.00
C TYR B 96 23.28 -40.77 28.68
N GLN B 97 23.09 -40.80 30.02
CA GLN B 97 22.35 -39.79 30.82
C GLN B 97 22.86 -38.37 30.57
N SER B 98 24.20 -38.21 30.55
CA SER B 98 24.92 -36.96 30.29
C SER B 98 24.63 -36.43 28.86
N GLU B 99 24.59 -37.33 27.86
CA GLU B 99 24.32 -37.01 26.46
C GLU B 99 22.86 -36.60 26.27
N PHE B 100 21.94 -37.26 26.99
CA PHE B 100 20.52 -36.93 26.91
C PHE B 100 20.22 -35.55 27.48
N LYS B 101 20.99 -35.12 28.51
CA LYS B 101 20.89 -33.83 29.19
C LYS B 101 21.16 -32.65 28.25
N LYS B 102 21.94 -32.89 27.17
CA LYS B 102 22.28 -31.91 26.14
C LYS B 102 21.07 -31.50 25.31
N TRP B 103 20.01 -32.33 25.34
CA TRP B 103 18.78 -32.11 24.57
C TRP B 103 17.59 -31.76 25.47
N GLY B 104 17.86 -31.53 26.76
CA GLY B 104 16.83 -31.19 27.72
C GLY B 104 16.12 -32.41 28.28
N ILE B 105 16.64 -33.61 27.96
CA ILE B 105 16.10 -34.86 28.48
C ILE B 105 16.90 -35.21 29.74
N GLY B 106 16.43 -34.69 30.86
CA GLY B 106 17.05 -34.90 32.17
C GLY B 106 16.33 -36.00 32.91
N TYR B 107 17.06 -37.04 33.32
CA TYR B 107 16.48 -38.18 34.04
C TYR B 107 17.45 -38.81 35.04
N GLU B 108 16.93 -39.71 35.89
CA GLU B 108 17.68 -40.48 36.90
C GLU B 108 17.30 -41.96 36.82
N THR B 109 18.31 -42.86 36.79
CA THR B 109 18.13 -44.32 36.71
C THR B 109 17.99 -44.94 38.11
N ILE B 110 16.82 -45.55 38.39
CA ILE B 110 16.53 -46.20 39.68
C ILE B 110 16.60 -47.74 39.55
N GLU B 111 17.31 -48.41 40.51
CA GLU B 111 17.56 -49.85 40.63
C GLU B 111 18.54 -50.35 39.58
N THR B 116 12.91 -55.17 35.43
CA THR B 116 12.60 -54.87 36.84
C THR B 116 12.78 -53.38 37.19
N SER B 117 13.86 -52.74 36.65
CA SER B 117 14.25 -51.35 36.91
C SER B 117 13.28 -50.28 36.36
N LEU B 118 13.54 -49.00 36.71
CA LEU B 118 12.73 -47.84 36.31
C LEU B 118 13.56 -46.64 35.82
N LEU B 119 12.90 -45.72 35.06
CA LEU B 119 13.49 -44.51 34.48
C LEU B 119 12.67 -43.29 34.90
N GLU B 120 13.25 -42.42 35.73
CA GLU B 120 12.60 -41.23 36.26
C GLU B 120 12.94 -39.97 35.46
N ILE B 121 12.08 -39.60 34.49
CA ILE B 121 12.29 -38.40 33.68
C ILE B 121 11.88 -37.16 34.49
N LYS B 122 12.87 -36.29 34.75
CA LYS B 122 12.72 -35.04 35.50
C LYS B 122 12.37 -33.88 34.57
N THR B 123 13.07 -33.76 33.42
CA THR B 123 12.82 -32.68 32.44
C THR B 123 12.72 -33.18 31.00
N LEU B 124 11.97 -32.43 30.17
CA LEU B 124 11.78 -32.66 28.74
C LEU B 124 11.71 -31.33 28.00
N PRO B 125 12.32 -31.19 26.79
CA PRO B 125 12.20 -29.92 26.07
C PRO B 125 10.76 -29.75 25.60
N GLU B 126 10.22 -28.51 25.62
CA GLU B 126 8.83 -28.20 25.24
C GLU B 126 8.39 -28.86 23.93
N MET B 127 9.34 -29.00 22.99
CA MET B 127 9.18 -29.61 21.68
C MET B 127 8.73 -31.07 21.83
N LEU B 128 9.38 -31.81 22.74
CA LEU B 128 9.11 -33.22 23.04
C LEU B 128 7.97 -33.42 24.06
N THR B 129 7.80 -32.47 25.03
CA THR B 129 6.71 -32.49 26.02
C THR B 129 5.38 -32.51 25.26
N SER B 130 5.28 -31.67 24.22
CA SER B 130 4.13 -31.55 23.33
C SER B 130 3.86 -32.81 22.53
N LYS B 131 4.91 -33.39 21.89
CA LYS B 131 4.79 -34.59 21.07
C LYS B 131 4.39 -35.83 21.86
N TYR B 132 5.09 -36.13 22.98
CA TYR B 132 4.82 -37.33 23.79
C TYR B 132 3.41 -37.29 24.38
N ASN B 133 2.94 -36.10 24.82
CA ASN B 133 1.57 -35.87 25.29
C ASN B 133 1.07 -36.93 26.31
N GLY B 134 1.86 -37.17 27.34
CA GLY B 134 1.53 -38.12 28.39
C GLY B 134 1.70 -39.60 28.06
N ASP B 135 2.03 -39.94 26.79
CA ASP B 135 2.22 -41.32 26.36
C ASP B 135 3.62 -41.76 26.79
N LYS B 136 3.68 -42.52 27.90
CA LYS B 136 4.93 -43.04 28.47
C LYS B 136 5.57 -44.10 27.57
N ASP B 137 4.75 -44.79 26.74
CA ASP B 137 5.21 -45.80 25.78
C ASP B 137 5.88 -45.12 24.60
N TYR B 138 5.27 -44.04 24.04
CA TYR B 138 5.88 -43.28 22.95
C TYR B 138 7.23 -42.72 23.42
N LEU B 139 7.25 -42.08 24.61
CA LEU B 139 8.45 -41.50 25.22
C LEU B 139 9.53 -42.57 25.42
N LYS B 140 9.14 -43.80 25.81
CA LYS B 140 10.09 -44.91 25.99
C LYS B 140 10.70 -45.31 24.64
N MET B 141 9.86 -45.50 23.60
CA MET B 141 10.28 -45.91 22.26
C MET B 141 11.26 -44.91 21.64
N VAL B 142 10.97 -43.63 21.79
CA VAL B 142 11.72 -42.50 21.26
C VAL B 142 13.10 -42.32 21.94
N LEU B 143 13.18 -42.49 23.27
CA LEU B 143 14.44 -42.35 23.99
C LEU B 143 15.35 -43.54 23.71
N LEU B 144 14.75 -44.75 23.60
CA LEU B 144 15.41 -46.01 23.26
C LEU B 144 15.99 -45.91 21.88
N GLN B 145 15.19 -45.37 20.93
CA GLN B 145 15.57 -45.14 19.53
C GLN B 145 16.89 -44.36 19.46
N HIS B 146 17.02 -43.25 20.21
CA HIS B 146 18.25 -42.44 20.22
C HIS B 146 19.43 -43.15 20.90
N ALA B 147 19.16 -43.82 22.04
CA ALA B 147 20.13 -44.58 22.81
C ALA B 147 20.78 -45.69 21.95
N HIS B 148 19.97 -46.34 21.09
CA HIS B 148 20.42 -47.37 20.18
C HIS B 148 21.17 -46.77 19.00
N ASP B 149 20.79 -45.55 18.59
CA ASP B 149 21.47 -44.83 17.50
C ASP B 149 22.90 -44.45 17.92
N LEU B 150 23.06 -44.00 19.18
CA LEU B 150 24.36 -43.64 19.78
C LEU B 150 25.22 -44.90 19.92
N LYS B 151 24.61 -45.99 20.44
CA LYS B 151 25.23 -47.29 20.67
C LYS B 151 25.71 -47.92 19.35
N ASP B 152 24.84 -47.94 18.33
CA ASP B 152 25.12 -48.55 17.02
C ASP B 152 25.87 -47.63 16.04
N PHE B 153 26.39 -46.48 16.54
CA PHE B 153 27.17 -45.47 15.81
C PHE B 153 26.40 -44.85 14.63
N LYS B 154 25.06 -44.96 14.66
CA LYS B 154 24.16 -44.39 13.65
C LYS B 154 24.01 -42.87 13.84
N LYS B 155 24.37 -42.38 15.04
CA LYS B 155 24.37 -40.97 15.43
C LYS B 155 25.51 -40.70 16.42
N LEU B 156 26.42 -39.79 16.06
CA LEU B 156 27.56 -39.40 16.89
C LEU B 156 27.11 -38.45 18.02
N PRO B 157 27.85 -38.35 19.16
CA PRO B 157 27.40 -37.43 20.23
C PRO B 157 27.68 -35.95 19.92
N MET B 158 27.07 -35.03 20.69
CA MET B 158 27.24 -33.59 20.52
C MET B 158 28.57 -33.09 21.08
N ASP B 159 29.42 -32.53 20.21
CA ASP B 159 30.73 -32.00 20.63
C ASP B 159 30.59 -30.53 21.04
N LEU B 160 30.37 -30.29 22.35
CA LEU B 160 30.23 -28.97 22.94
C LEU B 160 31.56 -28.40 23.48
N SER B 161 32.70 -29.03 23.09
CA SER B 161 34.06 -28.62 23.49
C SER B 161 34.55 -27.40 22.70
N HIS B 162 33.71 -26.91 21.76
CA HIS B 162 34.00 -25.76 20.90
C HIS B 162 33.27 -24.50 21.38
N PHE B 163 34.03 -23.40 21.48
CA PHE B 163 33.60 -22.08 21.94
C PHE B 163 33.37 -21.13 20.78
N LYS B 171 31.23 -17.31 14.24
CA LYS B 171 29.85 -17.71 13.90
C LYS B 171 29.58 -19.21 14.13
N LEU B 172 28.28 -19.59 14.20
CA LEU B 172 27.83 -20.97 14.41
C LEU B 172 27.30 -21.59 13.11
N TYR B 173 27.86 -22.75 12.74
CA TYR B 173 27.41 -23.47 11.55
C TYR B 173 26.64 -24.67 12.06
N TRP B 174 25.31 -24.53 12.11
CA TRP B 174 24.37 -25.53 12.58
C TRP B 174 24.52 -26.87 11.83
N TRP B 175 24.78 -26.80 10.50
CA TRP B 175 24.93 -27.96 9.62
C TRP B 175 26.17 -28.83 9.92
N LYS B 176 27.09 -28.32 10.77
CA LYS B 176 28.29 -29.04 11.22
C LYS B 176 27.99 -29.81 12.53
N TYR B 177 26.72 -29.78 12.95
CA TYR B 177 26.16 -30.43 14.14
C TYR B 177 24.77 -31.03 13.80
N SER B 178 24.36 -30.96 12.51
CA SER B 178 23.07 -31.42 11.98
C SER B 178 22.80 -32.92 12.18
N SER B 179 23.81 -33.77 11.90
CA SER B 179 23.74 -35.23 12.03
C SER B 179 23.42 -35.69 13.47
N CYS B 180 23.94 -34.95 14.48
CA CYS B 180 23.76 -35.17 15.92
C CYS B 180 22.31 -35.06 16.39
N VAL B 181 21.44 -34.44 15.60
CA VAL B 181 20.05 -34.23 16.00
C VAL B 181 19.27 -35.56 16.06
N PRO B 182 18.72 -35.91 17.25
CA PRO B 182 17.90 -37.12 17.36
C PRO B 182 16.71 -37.12 16.40
N THR B 183 16.42 -38.28 15.76
CA THR B 183 15.34 -38.49 14.78
C THR B 183 14.01 -37.88 15.22
N VAL B 184 13.63 -38.08 16.50
CA VAL B 184 12.39 -37.53 17.06
C VAL B 184 12.33 -36.01 16.86
N PHE B 185 13.44 -35.27 17.08
CA PHE B 185 13.48 -33.81 16.90
C PHE B 185 13.48 -33.46 15.42
N HIS B 186 14.19 -34.27 14.61
CA HIS B 186 14.28 -34.13 13.16
C HIS B 186 12.89 -34.19 12.56
N GLU B 187 12.11 -35.21 12.93
CA GLU B 187 10.73 -35.44 12.48
C GLU B 187 9.82 -34.30 12.87
N ILE B 188 9.97 -33.80 14.10
CA ILE B 188 9.17 -32.72 14.68
C ILE B 188 9.35 -31.42 13.91
N LEU B 189 10.60 -31.10 13.58
CA LEU B 189 10.95 -29.88 12.86
C LEU B 189 10.53 -29.94 11.40
N ASN B 190 10.57 -31.15 10.78
CA ASN B 190 10.15 -31.39 9.40
C ASN B 190 8.66 -31.06 9.28
N SER B 191 7.86 -31.54 10.25
CA SER B 191 6.41 -31.35 10.35
C SER B 191 6.05 -29.88 10.57
N LYS B 192 6.83 -29.17 11.43
CA LYS B 192 6.61 -27.74 11.71
C LYS B 192 6.87 -26.93 10.44
N ALA B 193 7.97 -27.25 9.73
CA ALA B 193 8.35 -26.60 8.48
C ALA B 193 7.27 -26.80 7.43
N CYS B 194 6.81 -28.06 7.25
CA CYS B 194 5.78 -28.44 6.28
C CYS B 194 4.44 -27.71 6.50
N ARG B 195 3.98 -27.66 7.75
CA ARG B 195 2.72 -27.02 8.15
C ARG B 195 2.70 -25.52 8.02
N SER B 196 3.84 -24.86 8.29
CA SER B 196 4.00 -23.42 8.25
C SER B 196 4.28 -22.91 6.83
N ALA B 197 4.69 -23.82 5.91
CA ALA B 197 5.04 -23.54 4.52
C ALA B 197 3.83 -23.21 3.68
N VAL B 198 4.07 -22.41 2.61
CA VAL B 198 3.08 -21.99 1.62
C VAL B 198 2.61 -23.22 0.84
N MET B 199 1.35 -23.26 0.41
CA MET B 199 0.83 -24.44 -0.30
C MET B 199 0.56 -24.24 -1.79
N PHE B 200 0.28 -25.35 -2.51
CA PHE B 200 -0.12 -25.32 -3.90
C PHE B 200 -1.51 -24.72 -3.94
N GLY B 201 -1.70 -23.79 -4.86
CA GLY B 201 -2.94 -23.04 -5.02
C GLY B 201 -2.87 -21.67 -4.38
N ASP B 202 -1.81 -21.43 -3.58
CA ASP B 202 -1.60 -20.16 -2.90
C ASP B 202 -1.06 -19.12 -3.86
N GLU B 203 -1.55 -17.86 -3.70
CA GLU B 203 -1.15 -16.70 -4.51
C GLU B 203 0.15 -16.11 -3.98
N LEU B 204 1.13 -15.95 -4.89
CA LEU B 204 2.42 -15.32 -4.56
C LEU B 204 2.65 -14.20 -5.54
N THR B 205 3.04 -13.01 -5.04
CA THR B 205 3.35 -11.86 -5.89
C THR B 205 4.79 -12.07 -6.42
N ARG B 206 5.24 -11.31 -7.44
CA ARG B 206 6.62 -11.45 -7.93
C ARG B 206 7.61 -11.10 -6.80
N GLN B 207 7.27 -10.08 -5.97
CA GLN B 207 8.06 -9.66 -4.81
C GLN B 207 8.18 -10.81 -3.81
N GLU B 208 7.06 -11.53 -3.53
CA GLU B 208 7.03 -12.69 -2.65
C GLU B 208 7.90 -13.82 -3.21
N CYS B 209 7.85 -14.06 -4.54
CA CYS B 209 8.66 -15.06 -5.25
C CYS B 209 10.15 -14.70 -5.18
N ILE B 210 10.48 -13.41 -5.32
CA ILE B 210 11.86 -12.91 -5.29
C ILE B 210 12.47 -13.19 -3.93
N ILE B 211 11.76 -12.84 -2.84
CA ILE B 211 12.18 -13.06 -1.45
C ILE B 211 12.42 -14.56 -1.18
N LEU B 212 11.48 -15.42 -1.62
CA LEU B 212 11.57 -16.89 -1.47
C LEU B 212 12.80 -17.46 -2.13
N ILE B 213 13.05 -17.13 -3.40
CA ILE B 213 14.21 -17.64 -4.14
C ILE B 213 15.52 -17.03 -3.61
N SER B 214 15.48 -15.76 -3.13
CA SER B 214 16.64 -15.10 -2.53
C SER B 214 17.04 -15.84 -1.24
N LYS B 215 16.05 -16.12 -0.38
CA LYS B 215 16.24 -16.82 0.87
C LYS B 215 16.69 -18.28 0.61
N LEU B 216 16.03 -18.98 -0.35
CA LEU B 216 16.39 -20.36 -0.72
C LEU B 216 17.84 -20.46 -1.18
N SER B 217 18.34 -19.45 -1.93
CA SER B 217 19.73 -19.45 -2.40
C SER B 217 20.74 -19.28 -1.26
N ARG B 218 20.26 -18.82 -0.08
CA ARG B 218 21.10 -18.62 1.11
C ARG B 218 21.06 -19.84 2.05
N CYS B 219 20.32 -20.89 1.64
CA CYS B 219 20.18 -22.17 2.37
C CYS B 219 21.37 -23.06 2.08
N HIS B 220 21.73 -23.89 3.07
CA HIS B 220 22.85 -24.84 2.98
C HIS B 220 22.56 -25.94 1.95
N ASN B 221 21.29 -26.34 1.83
CA ASN B 221 20.85 -27.36 0.88
C ASN B 221 19.54 -26.88 0.20
N PRO B 222 19.64 -26.06 -0.87
CA PRO B 222 18.42 -25.54 -1.51
C PRO B 222 17.68 -26.49 -2.44
N PHE B 223 18.31 -27.61 -2.84
CA PHE B 223 17.82 -28.55 -3.86
C PHE B 223 16.88 -29.66 -3.38
N GLU B 224 16.46 -29.63 -2.11
CA GLU B 224 15.49 -30.61 -1.59
C GLU B 224 14.66 -30.06 -0.45
N CYS B 225 13.43 -30.57 -0.29
CA CYS B 225 12.49 -30.21 0.77
C CYS B 225 12.96 -30.81 2.12
N ALA B 226 12.11 -30.77 3.17
CA ALA B 226 12.47 -31.34 4.47
C ALA B 226 12.55 -32.87 4.41
N HIS B 227 11.59 -33.51 3.70
CA HIS B 227 11.44 -34.96 3.53
C HIS B 227 12.32 -35.57 2.42
N GLY B 228 13.41 -34.89 2.07
CA GLY B 228 14.40 -35.33 1.09
C GLY B 228 14.00 -35.50 -0.36
N ARG B 229 12.92 -34.82 -0.81
CA ARG B 229 12.45 -34.86 -2.21
C ARG B 229 12.89 -33.57 -2.94
N PRO B 230 13.14 -33.56 -4.28
CA PRO B 230 13.62 -32.33 -4.93
C PRO B 230 12.70 -31.14 -4.81
N SER B 231 13.31 -29.94 -4.66
CA SER B 231 12.60 -28.66 -4.52
C SER B 231 12.43 -27.95 -5.86
N MET B 232 13.25 -28.31 -6.87
CA MET B 232 13.21 -27.69 -8.19
C MET B 232 13.50 -28.67 -9.33
N VAL B 233 12.99 -28.35 -10.54
CA VAL B 233 13.17 -29.15 -11.76
C VAL B 233 13.55 -28.23 -12.95
N PRO B 234 14.69 -28.49 -13.66
CA PRO B 234 15.01 -27.67 -14.85
C PRO B 234 14.13 -28.10 -16.03
N ILE B 235 13.56 -27.13 -16.77
CA ILE B 235 12.67 -27.39 -17.90
C ILE B 235 13.31 -27.13 -19.28
N ALA B 236 14.43 -26.36 -19.32
CA ALA B 236 15.13 -26.05 -20.55
C ALA B 236 16.10 -27.19 -20.94
N GLU C 1 7.03 39.78 -21.58
CA GLU C 1 6.10 38.75 -21.12
C GLU C 1 5.09 39.33 -20.11
N ARG C 2 5.60 39.88 -18.98
CA ARG C 2 4.77 40.47 -17.92
C ARG C 2 4.45 41.93 -18.25
N VAL C 3 3.15 42.25 -18.39
CA VAL C 3 2.67 43.60 -18.74
C VAL C 3 2.83 44.59 -17.57
N ASN C 4 3.30 45.82 -17.89
CA ASN C 4 3.53 46.89 -16.92
C ASN C 4 2.20 47.55 -16.53
N VAL C 5 1.78 47.36 -15.26
CA VAL C 5 0.55 47.93 -14.73
C VAL C 5 0.84 49.38 -14.27
N ASN C 6 0.41 50.35 -15.07
CA ASN C 6 0.63 51.77 -14.76
C ASN C 6 -0.64 52.49 -14.30
N LEU C 7 -1.73 51.73 -14.02
CA LEU C 7 -3.00 52.28 -13.54
C LEU C 7 -2.87 52.79 -12.12
N THR C 8 -3.14 54.08 -11.91
CA THR C 8 -3.06 54.76 -10.61
C THR C 8 -3.99 54.11 -9.59
N SER C 9 -5.20 53.71 -10.04
CA SER C 9 -6.24 53.04 -9.25
C SER C 9 -5.77 51.71 -8.66
N ILE C 10 -5.08 50.87 -9.46
CA ILE C 10 -4.55 49.56 -9.05
C ILE C 10 -3.47 49.71 -7.97
N LYS C 11 -2.55 50.67 -8.15
CA LYS C 11 -1.48 50.97 -7.19
C LYS C 11 -2.08 51.49 -5.87
N LYS C 12 -3.20 52.24 -5.95
CA LYS C 12 -3.93 52.77 -4.80
C LYS C 12 -4.65 51.67 -4.02
N LEU C 13 -5.14 50.61 -4.72
CA LEU C 13 -5.81 49.46 -4.10
C LEU C 13 -4.77 48.57 -3.42
N ARG C 14 -3.57 48.46 -4.03
CA ARG C 14 -2.42 47.69 -3.52
C ARG C 14 -1.88 48.29 -2.23
N GLU C 15 -1.82 49.65 -2.15
CA GLU C 15 -1.35 50.37 -0.95
C GLU C 15 -2.29 50.09 0.22
N LYS C 16 -3.62 50.13 -0.05
CA LYS C 16 -4.70 49.86 0.91
C LYS C 16 -4.55 48.45 1.48
N VAL C 17 -4.25 47.47 0.60
CA VAL C 17 -4.01 46.06 0.94
C VAL C 17 -2.74 45.94 1.81
N ASP C 18 -1.63 46.57 1.38
CA ASP C 18 -0.34 46.53 2.08
C ASP C 18 -0.36 47.20 3.46
N ASP C 19 -1.19 48.26 3.64
CA ASP C 19 -1.31 48.94 4.93
C ASP C 19 -2.13 48.11 5.91
N SER C 20 -3.13 47.36 5.40
CA SER C 20 -4.04 46.52 6.18
C SER C 20 -3.39 45.32 6.86
N ILE C 21 -2.27 44.81 6.28
CA ILE C 21 -1.53 43.64 6.73
C ILE C 21 -1.08 43.75 8.18
N HIS C 22 -1.33 42.66 8.96
CA HIS C 22 -0.99 42.49 10.37
C HIS C 22 0.30 41.67 10.48
N ARG C 23 1.26 42.14 11.29
CA ARG C 23 2.57 41.49 11.47
C ARG C 23 2.49 40.10 12.10
N GLU C 24 2.01 40.01 13.36
CA GLU C 24 1.89 38.76 14.12
C GLU C 24 0.95 37.73 13.45
N LEU C 25 -0.20 38.20 12.96
CA LEU C 25 -1.24 37.39 12.32
C LEU C 25 -0.77 36.70 11.04
N THR C 26 0.02 37.40 10.19
CA THR C 26 0.57 36.83 8.95
C THR C 26 1.61 35.77 9.30
N ASP C 27 2.47 36.05 10.30
CA ASP C 27 3.52 35.13 10.74
C ASP C 27 2.96 33.84 11.34
N ILE C 28 1.66 33.83 11.72
CA ILE C 28 0.95 32.63 12.19
C ILE C 28 0.66 31.76 10.96
N PHE C 29 0.12 32.38 9.89
CA PHE C 29 -0.17 31.71 8.61
C PHE C 29 1.11 31.25 7.89
N ALA C 30 2.21 32.02 7.98
CA ALA C 30 3.50 31.70 7.37
C ALA C 30 4.16 30.43 7.96
N ASN C 31 3.82 30.12 9.24
CA ASN C 31 4.35 28.97 9.98
C ASN C 31 3.23 28.03 10.45
N LEU C 32 2.08 27.98 9.73
CA LEU C 32 0.94 27.13 10.08
C LEU C 32 1.19 25.64 9.85
N ASN C 33 0.33 24.81 10.47
CA ASN C 33 0.33 23.35 10.36
C ASN C 33 -1.15 22.95 10.24
N TYR C 34 -1.62 22.64 9.01
CA TYR C 34 -3.01 22.30 8.75
C TYR C 34 -3.40 20.94 9.37
N VAL C 35 -4.54 20.91 10.07
CA VAL C 35 -5.07 19.71 10.73
C VAL C 35 -6.25 19.14 9.90
N GLY C 36 -7.27 19.97 9.63
CA GLY C 36 -8.42 19.58 8.84
C GLY C 36 -9.68 20.41 9.00
N VAL C 37 -10.70 20.09 8.19
CA VAL C 37 -12.02 20.74 8.17
C VAL C 37 -12.75 20.47 9.46
N VAL C 38 -13.30 21.54 10.08
CA VAL C 38 -14.09 21.51 11.30
C VAL C 38 -15.58 21.57 10.94
N ASP C 39 -15.97 22.48 10.02
CA ASP C 39 -17.35 22.67 9.56
C ASP C 39 -17.34 23.12 8.10
N GLU C 40 -17.91 22.30 7.21
CA GLU C 40 -17.99 22.57 5.77
C GLU C 40 -18.98 23.70 5.44
N GLU C 41 -20.02 23.88 6.29
CA GLU C 41 -21.07 24.88 6.14
C GLU C 41 -20.64 26.28 6.61
N ARG C 42 -20.06 26.38 7.83
CA ARG C 42 -19.56 27.65 8.37
C ARG C 42 -18.18 27.97 7.77
N ARG C 43 -17.62 27.01 7.01
CA ARG C 43 -16.32 27.03 6.32
C ARG C 43 -15.16 27.23 7.29
N LEU C 44 -15.09 26.35 8.31
CA LEU C 44 -14.04 26.38 9.32
C LEU C 44 -13.03 25.25 9.17
N ALA C 45 -11.76 25.56 9.37
CA ALA C 45 -10.63 24.64 9.33
C ALA C 45 -9.84 24.78 10.63
N ALA C 46 -9.01 23.78 10.96
CA ALA C 46 -8.19 23.81 12.17
C ALA C 46 -6.73 23.74 11.82
N ILE C 47 -5.92 24.66 12.40
CA ILE C 47 -4.47 24.72 12.18
C ILE C 47 -3.69 24.78 13.51
N GLN C 48 -2.37 24.61 13.43
CA GLN C 48 -1.50 24.72 14.59
C GLN C 48 -0.37 25.68 14.33
N HIS C 49 -0.11 26.56 15.29
CA HIS C 49 0.98 27.52 15.25
C HIS C 49 1.76 27.36 16.55
N ASP C 50 3.05 27.02 16.42
CA ASP C 50 3.96 26.72 17.52
C ASP C 50 3.37 25.56 18.34
N LEU C 51 2.63 25.85 19.43
CA LEU C 51 1.97 24.84 20.26
C LEU C 51 0.56 25.30 20.65
N LYS C 52 -0.09 26.03 19.74
CA LYS C 52 -1.44 26.56 19.93
C LYS C 52 -2.34 26.12 18.77
N LEU C 53 -3.55 25.68 19.09
CA LEU C 53 -4.54 25.26 18.10
C LEU C 53 -5.48 26.43 17.76
N PHE C 54 -5.66 26.69 16.45
CA PHE C 54 -6.52 27.77 15.93
C PHE C 54 -7.68 27.31 15.08
N LEU C 55 -8.79 28.06 15.14
CA LEU C 55 -9.98 27.82 14.34
C LEU C 55 -10.08 28.93 13.29
N ILE C 56 -9.79 28.60 12.02
CA ILE C 56 -9.76 29.56 10.92
C ILE C 56 -11.03 29.50 10.05
N ASP C 57 -11.50 30.67 9.54
CA ASP C 57 -12.63 30.74 8.61
C ASP C 57 -11.98 30.74 7.23
N TYR C 58 -11.83 29.54 6.61
CA TYR C 58 -11.15 29.40 5.33
C TYR C 58 -11.88 30.09 4.14
N GLY C 59 -13.13 30.51 4.33
CA GLY C 59 -13.87 31.24 3.30
C GLY C 59 -13.36 32.66 3.21
N SER C 60 -13.16 33.27 4.40
CA SER C 60 -12.62 34.61 4.62
C SER C 60 -11.18 34.70 4.12
N VAL C 61 -10.33 33.74 4.52
CA VAL C 61 -8.92 33.61 4.15
C VAL C 61 -8.78 33.36 2.64
N CYS C 62 -9.62 32.48 2.05
CA CYS C 62 -9.59 32.23 0.61
C CYS C 62 -10.06 33.42 -0.20
N TYR C 63 -11.03 34.22 0.33
CA TYR C 63 -11.53 35.45 -0.32
C TYR C 63 -10.40 36.48 -0.39
N GLU C 64 -9.74 36.72 0.75
CA GLU C 64 -8.62 37.65 0.88
C GLU C 64 -7.39 37.20 0.09
N LEU C 65 -7.20 35.89 -0.08
CA LEU C 65 -6.09 35.31 -0.85
C LEU C 65 -6.34 35.51 -2.34
N PHE C 66 -7.53 35.14 -2.84
CA PHE C 66 -7.86 35.30 -4.26
C PHE C 66 -7.98 36.75 -4.69
N TYR C 67 -8.32 37.68 -3.75
CA TYR C 67 -8.35 39.11 -4.05
C TYR C 67 -6.91 39.63 -4.11
N GLN C 68 -6.00 39.04 -3.29
CA GLN C 68 -4.59 39.37 -3.23
C GLN C 68 -3.85 38.95 -4.51
N ILE C 69 -4.08 37.71 -5.00
CA ILE C 69 -3.48 37.18 -6.23
C ILE C 69 -3.97 38.01 -7.43
N GLY C 70 -5.26 38.36 -7.42
CA GLY C 70 -5.91 39.17 -8.44
C GLY C 70 -5.30 40.55 -8.63
N LEU C 71 -4.92 41.20 -7.53
CA LEU C 71 -4.28 42.52 -7.53
C LEU C 71 -2.81 42.47 -7.93
N THR C 72 -2.07 41.45 -7.43
CA THR C 72 -0.64 41.27 -7.72
C THR C 72 -0.44 40.85 -9.18
N ASP C 73 -1.16 39.81 -9.62
CA ASP C 73 -1.09 39.27 -10.99
C ASP C 73 -2.11 39.91 -11.95
N PHE C 74 -2.35 41.23 -11.81
CA PHE C 74 -3.28 42.01 -12.64
C PHE C 74 -2.86 42.10 -14.10
N ALA C 75 -3.79 41.72 -15.02
CA ALA C 75 -3.65 41.67 -16.49
C ALA C 75 -2.61 40.65 -16.99
N ASN C 76 -2.17 39.73 -16.11
CA ASN C 76 -1.21 38.66 -16.40
C ASN C 76 -1.76 37.28 -16.01
N PHE C 77 -3.09 37.11 -16.14
CA PHE C 77 -3.81 35.88 -15.79
C PHE C 77 -3.85 34.87 -16.93
N GLY C 78 -3.88 33.57 -16.58
CA GLY C 78 -4.01 32.48 -17.53
C GLY C 78 -5.43 32.39 -18.07
N LYS C 79 -5.75 31.30 -18.79
CA LYS C 79 -7.11 31.15 -19.34
C LYS C 79 -7.71 29.77 -19.11
N ILE C 80 -8.89 29.73 -18.49
CA ILE C 80 -9.62 28.48 -18.21
C ILE C 80 -10.70 28.27 -19.28
N ASN C 81 -10.33 27.56 -20.36
CA ASN C 81 -11.22 27.26 -21.48
C ASN C 81 -12.26 26.20 -21.12
N LEU C 82 -13.49 26.36 -21.64
CA LEU C 82 -14.62 25.45 -21.39
C LEU C 82 -15.03 24.74 -22.67
N SER C 88 -17.48 21.11 -25.90
CA SER C 88 -18.78 20.45 -26.02
C SER C 88 -19.78 20.93 -24.98
N ASP C 89 -19.36 20.94 -23.69
CA ASP C 89 -20.18 21.36 -22.55
C ASP C 89 -20.04 22.87 -22.28
N ASP C 90 -20.57 23.68 -23.22
CA ASP C 90 -20.54 25.15 -23.17
C ASP C 90 -21.71 25.73 -22.35
N ILE C 91 -21.51 26.94 -21.77
CA ILE C 91 -22.49 27.64 -20.93
C ILE C 91 -22.88 29.00 -21.55
N VAL C 92 -24.21 29.25 -21.67
CA VAL C 92 -24.80 30.47 -22.22
C VAL C 92 -25.02 31.48 -21.08
N LEU C 93 -24.73 32.78 -21.33
CA LEU C 93 -24.91 33.84 -20.33
C LEU C 93 -26.40 34.12 -20.05
N TYR C 94 -27.25 34.06 -21.10
CA TYR C 94 -28.68 34.29 -21.00
C TYR C 94 -29.41 33.19 -20.21
N ASN C 95 -28.99 31.93 -20.40
CA ASN C 95 -29.57 30.77 -19.72
C ASN C 95 -29.26 30.71 -18.22
N LEU C 96 -28.15 31.34 -17.79
CA LEU C 96 -27.71 31.38 -16.39
C LEU C 96 -28.68 32.14 -15.48
N LEU C 97 -29.23 33.25 -15.97
CA LEU C 97 -30.16 34.13 -15.23
C LEU C 97 -31.54 33.51 -14.96
N SER C 98 -31.80 32.28 -15.45
CA SER C 98 -33.05 31.55 -15.26
C SER C 98 -33.29 31.13 -13.81
N GLU C 99 -32.20 31.05 -13.00
CA GLU C 99 -32.22 30.68 -11.59
C GLU C 99 -32.82 31.79 -10.68
N PHE C 100 -33.20 32.94 -11.29
CA PHE C 100 -33.74 34.09 -10.57
C PHE C 100 -35.21 34.37 -10.93
N ASP C 101 -36.09 34.35 -9.91
CA ASP C 101 -37.51 34.65 -10.05
C ASP C 101 -37.73 36.16 -10.01
N GLU C 102 -36.75 36.91 -9.49
CA GLU C 102 -36.75 38.38 -9.38
C GLU C 102 -36.83 39.02 -10.76
N LEU C 103 -36.11 38.46 -11.75
CA LEU C 103 -36.08 38.93 -13.13
C LEU C 103 -37.28 38.39 -13.90
N ASN C 104 -38.43 39.09 -13.79
CA ASN C 104 -39.70 38.74 -14.43
C ASN C 104 -39.86 39.37 -15.82
N ASP C 105 -38.77 39.92 -16.38
CA ASP C 105 -38.78 40.56 -17.69
C ASP C 105 -37.57 40.16 -18.54
N ASP C 106 -37.74 40.17 -19.87
CA ASP C 106 -36.69 39.84 -20.84
C ASP C 106 -35.71 41.00 -21.00
N ALA C 107 -36.23 42.26 -20.93
CA ALA C 107 -35.42 43.49 -21.03
C ALA C 107 -34.52 43.69 -19.82
N SER C 108 -34.98 43.25 -18.63
CA SER C 108 -34.23 43.34 -17.36
C SER C 108 -33.04 42.37 -17.36
N LYS C 109 -33.24 41.15 -17.91
CA LYS C 109 -32.22 40.11 -18.03
C LYS C 109 -31.16 40.52 -19.07
N GLU C 110 -31.63 41.12 -20.19
CA GLU C 110 -30.79 41.60 -21.29
C GLU C 110 -29.95 42.81 -20.91
N LYS C 111 -30.45 43.65 -19.97
CA LYS C 111 -29.78 44.86 -19.48
C LYS C 111 -28.46 44.53 -18.77
N ILE C 112 -28.40 43.37 -18.08
CA ILE C 112 -27.22 42.89 -17.36
C ILE C 112 -26.08 42.57 -18.35
N ILE C 113 -26.38 41.77 -19.40
CA ILE C 113 -25.44 41.36 -20.44
C ILE C 113 -24.91 42.56 -21.25
N SER C 114 -25.78 43.56 -21.50
CA SER C 114 -25.48 44.80 -22.24
C SER C 114 -24.25 45.53 -21.71
N LYS C 115 -24.17 45.68 -20.37
CA LYS C 115 -23.07 46.36 -19.68
C LYS C 115 -21.76 45.56 -19.80
N ILE C 116 -21.84 44.22 -19.74
CA ILE C 116 -20.70 43.30 -19.81
C ILE C 116 -20.08 43.27 -21.23
N TRP C 117 -20.93 43.17 -22.29
CA TRP C 117 -20.47 43.14 -23.68
C TRP C 117 -19.80 44.44 -24.12
N ASP C 118 -20.33 45.61 -23.71
CA ASP C 118 -19.77 46.91 -24.04
C ASP C 118 -18.39 47.13 -23.37
N MET C 119 -18.07 46.29 -22.37
CA MET C 119 -16.82 46.31 -21.61
C MET C 119 -16.00 45.01 -21.81
N SER C 120 -16.41 44.14 -22.76
CA SER C 120 -15.77 42.86 -23.06
C SER C 120 -14.29 42.97 -23.46
N SER C 121 -13.90 44.08 -24.13
CA SER C 121 -12.52 44.34 -24.56
C SER C 121 -11.62 44.53 -23.33
N MET C 122 -12.15 45.24 -22.31
CA MET C 122 -11.49 45.53 -21.03
C MET C 122 -11.43 44.25 -20.18
N LEU C 123 -12.56 43.51 -20.09
CA LEU C 123 -12.69 42.27 -19.33
C LEU C 123 -11.77 41.15 -19.80
N ASN C 124 -11.46 41.09 -21.12
CA ASN C 124 -10.59 40.08 -21.71
C ASN C 124 -9.10 40.44 -21.57
N GLU C 125 -8.77 41.74 -21.55
CA GLU C 125 -7.39 42.25 -21.47
C GLU C 125 -6.86 42.32 -20.03
N TYR C 126 -7.64 42.91 -19.10
CA TYR C 126 -7.26 43.13 -17.71
C TYR C 126 -7.59 41.99 -16.73
N TYR C 127 -8.61 41.17 -17.03
CA TYR C 127 -9.04 40.10 -16.14
C TYR C 127 -9.10 38.70 -16.75
N SER C 128 -8.72 38.57 -18.04
CA SER C 128 -8.74 37.33 -18.81
C SER C 128 -10.14 36.67 -18.89
N ILE C 129 -11.19 37.51 -18.78
CA ILE C 129 -12.59 37.08 -18.89
C ILE C 129 -13.01 37.29 -20.34
N GLU C 130 -12.71 36.28 -21.19
CA GLU C 130 -13.00 36.30 -22.62
C GLU C 130 -14.49 36.16 -22.90
N LEU C 131 -15.07 37.17 -23.56
CA LEU C 131 -16.50 37.21 -23.90
C LEU C 131 -16.67 37.19 -25.41
N VAL C 132 -17.32 36.14 -25.93
CA VAL C 132 -17.53 35.95 -27.37
C VAL C 132 -19.02 35.95 -27.72
N ASN C 133 -19.40 36.67 -28.79
CA ASN C 133 -20.76 36.75 -29.32
C ASN C 133 -20.73 36.12 -30.72
N ASP C 134 -21.67 35.17 -30.99
CA ASP C 134 -21.75 34.46 -32.28
C ASP C 134 -22.74 35.10 -33.27
N GLY C 135 -23.82 35.68 -32.75
CA GLY C 135 -24.85 36.33 -33.56
C GLY C 135 -24.51 37.75 -33.93
N LEU C 136 -25.53 38.62 -33.99
CA LEU C 136 -25.38 40.04 -34.32
C LEU C 136 -24.79 40.79 -33.11
N ASP C 137 -24.10 41.93 -33.37
CA ASP C 137 -23.48 42.76 -32.33
C ASP C 137 -24.52 43.36 -31.36
N ASN C 138 -25.74 43.64 -31.87
CA ASN C 138 -26.87 44.18 -31.09
C ASN C 138 -27.57 43.06 -30.30
N ASP C 139 -27.52 41.81 -30.82
CA ASP C 139 -28.13 40.62 -30.19
C ASP C 139 -27.40 40.27 -28.90
N LEU C 140 -28.18 39.94 -27.85
CA LEU C 140 -27.67 39.65 -26.52
C LEU C 140 -27.83 38.18 -26.07
N LYS C 141 -28.77 37.44 -26.70
CA LYS C 141 -29.03 36.02 -26.38
C LYS C 141 -27.86 35.11 -26.79
N SER C 142 -27.11 35.52 -27.86
CA SER C 142 -25.98 34.79 -28.44
C SER C 142 -24.62 35.09 -27.77
N VAL C 143 -24.61 35.81 -26.62
CA VAL C 143 -23.38 36.13 -25.90
C VAL C 143 -23.07 35.05 -24.86
N LYS C 144 -21.83 34.52 -24.88
CA LYS C 144 -21.33 33.47 -24.00
C LYS C 144 -20.00 33.87 -23.36
N LEU C 145 -19.42 32.96 -22.55
CA LEU C 145 -18.13 33.16 -21.90
C LEU C 145 -17.15 32.10 -22.38
N LYS C 146 -16.00 32.54 -22.93
CA LYS C 146 -14.95 31.65 -23.44
C LYS C 146 -14.04 31.15 -22.32
N SER C 147 -13.36 32.08 -21.59
CA SER C 147 -12.45 31.71 -20.51
C SER C 147 -12.49 32.64 -19.29
N LEU C 148 -12.13 32.07 -18.11
CA LEU C 148 -12.05 32.73 -16.80
C LEU C 148 -10.57 32.83 -16.39
N PRO C 149 -10.17 33.78 -15.50
CA PRO C 149 -8.74 33.84 -15.10
C PRO C 149 -8.27 32.62 -14.30
N LEU C 150 -6.95 32.35 -14.35
CA LEU C 150 -6.32 31.25 -13.62
C LEU C 150 -5.36 31.86 -12.59
N LEU C 151 -5.78 31.89 -11.31
CA LEU C 151 -5.00 32.44 -10.21
C LEU C 151 -4.14 31.36 -9.54
N LEU C 152 -4.63 30.11 -9.54
CA LEU C 152 -3.94 29.00 -8.90
C LEU C 152 -3.90 27.73 -9.75
N LYS C 153 -2.70 27.11 -9.85
CA LYS C 153 -2.52 25.86 -10.60
C LYS C 153 -3.10 24.70 -9.81
N GLY C 154 -3.89 23.88 -10.50
CA GLY C 154 -4.56 22.73 -9.91
C GLY C 154 -5.86 23.08 -9.21
N TYR C 155 -6.30 24.34 -9.31
CA TYR C 155 -7.54 24.81 -8.69
C TYR C 155 -8.49 25.39 -9.75
N ILE C 156 -9.60 24.68 -10.00
CA ILE C 156 -10.63 25.09 -10.95
C ILE C 156 -11.88 25.48 -10.12
N PRO C 157 -12.25 26.77 -10.08
CA PRO C 157 -13.41 27.18 -9.26
C PRO C 157 -14.76 26.66 -9.74
N SER C 158 -15.62 26.28 -8.78
CA SER C 158 -16.97 25.74 -8.99
C SER C 158 -17.87 26.73 -9.72
N LEU C 159 -18.74 26.24 -10.62
CA LEU C 159 -19.66 27.07 -11.41
C LEU C 159 -21.07 27.18 -10.80
N VAL C 160 -21.19 26.84 -9.50
CA VAL C 160 -22.42 26.93 -8.70
C VAL C 160 -22.76 28.42 -8.50
N LYS C 161 -21.72 29.24 -8.25
CA LYS C 161 -21.81 30.68 -8.00
C LYS C 161 -21.78 31.53 -9.31
N LEU C 162 -21.61 30.89 -10.48
CA LEU C 162 -21.54 31.55 -11.80
C LEU C 162 -22.84 32.29 -12.22
N PRO C 163 -24.09 31.78 -11.99
CA PRO C 163 -25.28 32.57 -12.36
C PRO C 163 -25.39 33.86 -11.54
N PHE C 164 -24.81 33.83 -10.31
CA PHE C 164 -24.76 34.95 -9.36
C PHE C 164 -23.63 35.89 -9.71
N PHE C 165 -22.50 35.34 -10.21
CA PHE C 165 -21.32 36.11 -10.63
C PHE C 165 -21.65 37.03 -11.79
N ILE C 166 -22.46 36.54 -12.75
CA ILE C 166 -22.88 37.31 -13.92
C ILE C 166 -23.95 38.33 -13.50
N TYR C 167 -24.92 37.91 -12.65
CA TYR C 167 -26.01 38.74 -12.13
C TYR C 167 -25.47 39.95 -11.38
N ARG C 168 -24.41 39.74 -10.55
CA ARG C 168 -23.74 40.79 -9.79
C ARG C 168 -22.79 41.63 -10.66
N LEU C 169 -22.22 41.03 -11.74
CA LEU C 169 -21.34 41.73 -12.68
C LEU C 169 -22.07 42.85 -13.48
N GLY C 170 -23.39 42.86 -13.41
CA GLY C 170 -24.22 43.86 -14.07
C GLY C 170 -25.03 44.70 -13.11
N LYS C 171 -25.62 44.05 -12.08
CA LYS C 171 -26.46 44.72 -11.08
C LYS C 171 -25.68 45.31 -9.89
N GLU C 172 -24.56 44.67 -9.48
CA GLU C 172 -23.76 45.14 -8.33
C GLU C 172 -22.54 46.00 -8.71
N VAL C 173 -21.77 45.61 -9.76
CA VAL C 173 -20.57 46.34 -10.20
C VAL C 173 -20.92 47.72 -10.74
N ASP C 174 -20.26 48.76 -10.20
CA ASP C 174 -20.41 50.14 -10.62
C ASP C 174 -19.45 50.38 -11.79
N TRP C 175 -20.00 50.57 -13.00
CA TRP C 175 -19.22 50.76 -14.22
C TRP C 175 -18.92 52.22 -14.54
N GLU C 176 -19.12 53.12 -13.55
CA GLU C 176 -18.95 54.57 -13.69
C GLU C 176 -17.73 55.18 -12.98
N ASP C 177 -16.94 54.36 -12.25
CA ASP C 177 -15.72 54.81 -11.57
C ASP C 177 -14.62 53.78 -11.74
N GLU C 178 -13.40 54.22 -12.11
CA GLU C 178 -12.25 53.32 -12.33
C GLU C 178 -11.90 52.45 -11.14
N GLN C 179 -11.43 53.06 -10.03
CA GLN C 179 -11.02 52.36 -8.80
C GLN C 179 -12.11 51.40 -8.29
N GLU C 180 -13.37 51.88 -8.21
CA GLU C 180 -14.53 51.12 -7.73
C GLU C 180 -14.93 49.98 -8.67
N CYS C 181 -14.80 50.19 -10.00
CA CYS C 181 -15.11 49.17 -11.01
C CYS C 181 -14.06 48.08 -10.97
N LEU C 182 -12.78 48.46 -10.86
CA LEU C 182 -11.68 47.50 -10.80
C LEU C 182 -11.69 46.71 -9.47
N ASP C 183 -12.03 47.38 -8.35
CA ASP C 183 -12.14 46.78 -7.01
C ASP C 183 -13.27 45.74 -6.97
N GLY C 184 -14.45 46.13 -7.47
CA GLY C 184 -15.66 45.32 -7.54
C GLY C 184 -15.52 44.02 -8.32
N ILE C 185 -14.85 44.09 -9.49
CA ILE C 185 -14.61 42.92 -10.36
C ILE C 185 -13.74 41.88 -9.64
N LEU C 186 -12.63 42.34 -8.98
CA LEU C 186 -11.72 41.47 -8.21
C LEU C 186 -12.44 40.78 -7.05
N ARG C 187 -13.40 41.48 -6.39
CA ARG C 187 -14.23 40.97 -5.30
C ARG C 187 -15.19 39.90 -5.84
N GLU C 188 -15.82 40.17 -7.01
CA GLU C 188 -16.75 39.25 -7.68
C GLU C 188 -16.05 37.97 -8.19
N ILE C 189 -14.78 38.10 -8.58
CA ILE C 189 -13.91 37.00 -9.02
C ILE C 189 -13.58 36.14 -7.81
N ALA C 190 -13.16 36.79 -6.69
CA ALA C 190 -12.80 36.15 -5.42
C ALA C 190 -13.98 35.41 -4.81
N LEU C 191 -15.20 35.96 -4.95
CA LEU C 191 -16.44 35.36 -4.44
C LEU C 191 -16.73 34.05 -5.18
N LEU C 192 -16.51 34.03 -6.51
CA LEU C 192 -16.68 32.86 -7.37
C LEU C 192 -15.57 31.82 -7.03
N TYR C 193 -14.35 32.32 -6.77
CA TYR C 193 -13.14 31.57 -6.45
C TYR C 193 -13.10 30.91 -5.06
N ILE C 194 -13.93 31.34 -4.09
CA ILE C 194 -13.93 30.73 -2.74
C ILE C 194 -14.61 29.35 -2.76
N PRO C 195 -14.13 28.36 -1.98
CA PRO C 195 -14.81 27.04 -1.96
C PRO C 195 -16.24 27.12 -1.44
N ASP C 196 -17.15 26.37 -2.08
CA ASP C 196 -18.58 26.32 -1.77
C ASP C 196 -18.84 25.79 -0.36
N MET C 197 -19.93 26.25 0.24
CA MET C 197 -20.39 25.81 1.56
C MET C 197 -21.13 24.50 1.35
N VAL C 198 -20.84 23.48 2.17
CA VAL C 198 -21.54 22.20 2.07
C VAL C 198 -22.51 22.17 3.26
N PRO C 199 -23.82 22.48 3.04
CA PRO C 199 -24.77 22.51 4.17
C PRO C 199 -24.96 21.16 4.85
N LYS C 200 -25.09 21.19 6.19
CA LYS C 200 -25.25 20.00 7.01
C LYS C 200 -26.57 19.27 6.72
N VAL C 201 -26.46 18.02 6.25
CA VAL C 201 -27.59 17.15 5.95
C VAL C 201 -27.61 16.05 7.02
N ASP C 202 -28.79 15.78 7.61
CA ASP C 202 -28.95 14.78 8.67
C ASP C 202 -28.84 13.34 8.15
N THR C 203 -27.67 12.72 8.40
CA THR C 203 -27.34 11.36 7.97
C THR C 203 -28.13 10.30 8.76
N SER C 204 -28.47 10.59 10.04
CA SER C 204 -29.23 9.68 10.92
C SER C 204 -30.69 9.50 10.49
N ASP C 205 -31.26 10.51 9.82
CA ASP C 205 -32.64 10.52 9.32
C ASP C 205 -32.82 9.54 8.15
N ALA C 206 -33.87 8.72 8.21
CA ALA C 206 -34.20 7.72 7.18
C ALA C 206 -35.02 8.30 6.01
N SER C 207 -35.55 9.53 6.17
CA SER C 207 -36.37 10.23 5.16
C SER C 207 -35.58 10.71 3.93
N LEU C 208 -34.23 10.65 3.99
CA LEU C 208 -33.31 11.04 2.92
C LEU C 208 -32.73 9.79 2.23
N SER C 209 -32.73 9.79 0.89
CA SER C 209 -32.26 8.69 0.04
C SER C 209 -30.74 8.40 0.16
N GLU C 210 -30.31 7.21 -0.29
CA GLU C 210 -28.91 6.76 -0.27
C GLU C 210 -27.99 7.55 -1.22
N ASP C 211 -28.57 8.29 -2.18
CA ASP C 211 -27.84 9.13 -3.14
C ASP C 211 -27.57 10.52 -2.57
N GLU C 212 -28.54 11.07 -1.80
CA GLU C 212 -28.44 12.37 -1.12
C GLU C 212 -27.36 12.29 -0.04
N LYS C 213 -27.26 11.13 0.64
CA LYS C 213 -26.28 10.85 1.69
C LYS C 213 -24.90 10.63 1.07
N ALA C 214 -24.85 10.01 -0.13
CA ALA C 214 -23.60 9.72 -0.85
C ALA C 214 -22.96 10.98 -1.41
N GLN C 215 -23.75 11.85 -2.08
CA GLN C 215 -23.25 13.11 -2.64
C GLN C 215 -22.77 14.08 -1.54
N PHE C 216 -23.47 14.11 -0.37
CA PHE C 216 -23.13 14.95 0.77
C PHE C 216 -21.75 14.59 1.29
N ILE C 217 -21.44 13.27 1.38
CA ILE C 217 -20.15 12.76 1.83
C ILE C 217 -19.07 13.07 0.79
N ASN C 218 -19.39 12.94 -0.52
CA ASN C 218 -18.46 13.23 -1.62
C ASN C 218 -18.06 14.71 -1.65
N ARG C 219 -19.03 15.61 -1.38
CA ARG C 219 -18.80 17.06 -1.33
C ARG C 219 -17.79 17.40 -0.21
N LYS C 220 -17.90 16.70 0.95
CA LYS C 220 -17.03 16.83 2.12
C LYS C 220 -15.59 16.41 1.80
N GLU C 221 -15.43 15.28 1.07
CA GLU C 221 -14.11 14.76 0.68
C GLU C 221 -13.41 15.68 -0.31
N HIS C 222 -14.18 16.29 -1.24
CA HIS C 222 -13.64 17.19 -2.26
C HIS C 222 -13.07 18.47 -1.67
N ILE C 223 -13.79 19.09 -0.71
CA ILE C 223 -13.34 20.31 -0.03
C ILE C 223 -12.10 19.99 0.83
N SER C 224 -12.11 18.85 1.53
CA SER C 224 -11.00 18.40 2.36
C SER C 224 -9.70 18.20 1.54
N SER C 225 -9.82 17.57 0.35
CA SER C 225 -8.73 17.31 -0.60
C SER C 225 -8.13 18.62 -1.13
N LEU C 226 -9.03 19.57 -1.51
CA LEU C 226 -8.71 20.90 -2.03
C LEU C 226 -7.92 21.71 -1.01
N LEU C 227 -8.37 21.69 0.25
CA LEU C 227 -7.73 22.43 1.33
C LEU C 227 -6.37 21.90 1.71
N GLU C 228 -6.22 20.57 1.76
CA GLU C 228 -4.98 19.89 2.13
C GLU C 228 -3.86 20.04 1.10
N HIS C 229 -4.17 19.70 -0.16
CA HIS C 229 -3.22 19.65 -1.27
C HIS C 229 -3.09 20.92 -2.11
N VAL C 230 -4.09 21.83 -2.11
CA VAL C 230 -4.02 23.02 -2.97
C VAL C 230 -4.10 24.35 -2.20
N LEU C 231 -5.26 24.59 -1.53
CA LEU C 231 -5.60 25.84 -0.85
C LEU C 231 -4.68 26.21 0.32
N PHE C 232 -4.48 25.34 1.33
CA PHE C 232 -3.60 25.68 2.46
C PHE C 232 -2.10 25.77 2.09
N PRO C 233 -1.49 24.89 1.25
CA PRO C 233 -0.06 25.10 0.88
C PRO C 233 0.15 26.47 0.23
N CYS C 234 -0.88 26.95 -0.51
CA CYS C 234 -0.88 28.25 -1.16
C CYS C 234 -0.94 29.37 -0.12
N ILE C 235 -1.79 29.19 0.93
CA ILE C 235 -1.96 30.14 2.04
C ILE C 235 -0.66 30.30 2.84
N LYS C 236 0.01 29.16 3.20
CA LYS C 236 1.25 29.17 3.97
C LYS C 236 2.44 29.87 3.25
N ARG C 237 2.35 30.12 1.92
CA ARG C 237 3.43 30.77 1.17
C ARG C 237 3.20 32.25 0.86
N ARG C 238 2.07 32.58 0.20
CA ARG C 238 1.80 33.92 -0.27
C ARG C 238 0.73 34.72 0.49
N PHE C 239 -0.06 34.08 1.39
CA PHE C 239 -1.12 34.83 2.09
C PHE C 239 -0.58 35.82 3.12
N LEU C 240 -1.09 37.06 3.03
CA LEU C 240 -0.78 38.17 3.94
C LEU C 240 -2.09 38.55 4.63
N ALA C 241 -2.14 38.34 5.95
CA ALA C 241 -3.36 38.54 6.73
C ALA C 241 -3.68 39.98 7.09
N PRO C 242 -4.84 40.50 6.60
CA PRO C 242 -5.23 41.87 6.98
C PRO C 242 -5.84 41.93 8.38
N ARG C 243 -5.59 43.03 9.12
CA ARG C 243 -6.09 43.27 10.48
C ARG C 243 -7.57 42.93 10.69
N HIS C 244 -8.43 43.14 9.66
CA HIS C 244 -9.87 42.86 9.73
C HIS C 244 -10.19 41.38 9.82
N ILE C 245 -9.22 40.53 9.44
CA ILE C 245 -9.32 39.07 9.46
C ILE C 245 -9.06 38.53 10.89
N LEU C 246 -8.57 39.37 11.82
CA LEU C 246 -8.28 39.00 13.22
C LEU C 246 -9.41 38.23 13.92
N LYS C 247 -10.67 38.64 13.69
CA LYS C 247 -11.87 38.03 14.24
C LYS C 247 -12.09 36.59 13.75
N ASP C 248 -11.61 36.28 12.53
CA ASP C 248 -11.74 34.97 11.86
C ASP C 248 -10.67 33.94 12.27
N VAL C 249 -9.71 34.35 13.13
CA VAL C 249 -8.60 33.52 13.63
C VAL C 249 -8.74 33.45 15.17
N VAL C 250 -9.24 32.31 15.70
CA VAL C 250 -9.52 32.11 17.13
C VAL C 250 -8.64 31.02 17.75
N GLU C 251 -8.04 31.29 18.92
CA GLU C 251 -7.23 30.30 19.65
C GLU C 251 -8.18 29.38 20.45
N ILE C 252 -8.32 28.11 20.02
CA ILE C 252 -9.23 27.14 20.66
C ILE C 252 -8.56 26.29 21.76
N ALA C 253 -7.21 26.16 21.71
CA ALA C 253 -6.46 25.39 22.70
C ALA C 253 -4.99 25.78 22.76
N ASN C 254 -4.44 25.84 23.99
CA ASN C 254 -3.02 26.05 24.23
C ASN C 254 -2.53 24.66 24.65
N LEU C 255 -1.76 23.98 23.77
CA LEU C 255 -1.28 22.61 23.98
C LEU C 255 -0.40 22.44 25.25
N PRO C 256 0.53 23.35 25.65
CA PRO C 256 1.27 23.13 26.92
C PRO C 256 0.37 22.95 28.15
N ASP C 257 -0.82 23.60 28.17
CA ASP C 257 -1.82 23.48 29.23
C ASP C 257 -2.43 22.08 29.23
N LEU C 258 -2.60 21.48 28.03
CA LEU C 258 -3.14 20.15 27.81
C LEU C 258 -2.11 19.06 28.14
N TYR C 259 -0.79 19.41 28.13
CA TYR C 259 0.31 18.50 28.44
C TYR C 259 0.29 18.04 29.89
N LYS C 260 -0.01 18.97 30.84
CA LYS C 260 -0.10 18.73 32.28
C LYS C 260 -1.20 17.71 32.64
N VAL C 261 -2.32 17.74 31.87
CA VAL C 261 -3.50 16.86 32.00
C VAL C 261 -3.12 15.39 31.76
N PHE C 262 -2.16 15.15 30.84
CA PHE C 262 -1.71 13.80 30.48
C PHE C 262 -0.17 13.64 30.62
N GLU C 263 0.48 14.45 31.49
CA GLU C 263 1.92 14.43 31.74
C GLU C 263 2.35 13.08 32.32
N ARG C 264 1.60 12.61 33.34
CA ARG C 264 1.81 11.32 34.00
C ARG C 264 0.62 10.44 33.68
N CYS C 265 0.88 9.19 33.30
CA CYS C 265 -0.14 8.23 32.91
C CYS C 265 -0.56 7.29 34.05
N GLY D 1 -42.03 0.57 33.36
CA GLY D 1 -40.58 0.55 33.29
C GLY D 1 -39.97 1.94 33.28
N LYS D 2 -39.11 2.23 34.27
CA LYS D 2 -38.44 3.52 34.44
C LYS D 2 -36.91 3.35 34.48
N THR D 3 -36.18 4.26 33.80
CA THR D 3 -34.71 4.29 33.73
C THR D 3 -34.17 5.72 33.85
N ILE D 4 -32.92 5.86 34.36
CA ILE D 4 -32.25 7.15 34.53
C ILE D 4 -31.76 7.66 33.16
N THR D 5 -32.19 8.88 32.79
CA THR D 5 -31.88 9.55 31.52
C THR D 5 -30.41 9.96 31.36
N ASP D 6 -29.68 10.16 32.48
CA ASP D 6 -28.28 10.59 32.48
C ASP D 6 -27.27 9.51 32.04
N PHE D 7 -27.66 8.21 32.05
CA PHE D 7 -26.78 7.11 31.62
C PHE D 7 -26.65 7.03 30.10
N SER D 8 -27.68 7.48 29.36
CA SER D 8 -27.77 7.49 27.90
C SER D 8 -27.03 8.68 27.27
N ILE D 9 -27.07 9.86 27.92
CA ILE D 9 -26.46 11.13 27.48
C ILE D 9 -24.94 10.98 27.21
N SER D 10 -24.17 10.48 28.21
CA SER D 10 -22.72 10.28 28.14
C SER D 10 -22.27 9.23 27.11
N ARG D 11 -23.00 8.09 27.01
CA ARG D 11 -22.69 6.98 26.07
C ARG D 11 -22.83 7.41 24.61
N SER D 12 -24.01 7.98 24.25
CA SER D 12 -24.35 8.47 22.90
C SER D 12 -23.47 9.64 22.40
N VAL D 13 -22.72 10.32 23.30
CA VAL D 13 -21.81 11.43 22.99
C VAL D 13 -20.82 11.03 21.88
N LEU D 14 -19.89 10.10 22.17
CA LEU D 14 -18.86 9.61 21.26
C LEU D 14 -19.38 8.91 20.02
N ALA D 15 -20.64 8.44 20.06
CA ALA D 15 -21.27 7.77 18.92
C ALA D 15 -21.45 8.73 17.75
N LYS D 16 -21.96 9.95 18.01
CA LYS D 16 -22.14 10.97 16.98
C LYS D 16 -20.92 11.91 16.95
N TYR D 17 -19.73 11.36 16.63
CA TYR D 17 -18.44 12.07 16.60
C TYR D 17 -17.54 11.65 15.45
N GLU D 18 -17.26 12.58 14.50
CA GLU D 18 -16.38 12.39 13.36
C GLU D 18 -14.94 12.83 13.68
N VAL D 19 -13.95 12.10 13.16
CA VAL D 19 -12.53 12.38 13.38
C VAL D 19 -12.07 13.50 12.46
N ILE D 20 -11.36 14.51 12.98
CA ILE D 20 -10.77 15.54 12.12
C ILE D 20 -9.41 14.98 11.60
N ASN D 21 -8.40 14.88 12.50
CA ASN D 21 -7.05 14.31 12.25
C ASN D 21 -6.22 14.33 13.56
N GLN D 22 -4.99 13.79 13.50
CA GLN D 22 -4.07 13.76 14.63
C GLN D 22 -3.50 15.18 14.82
N VAL D 23 -3.18 15.55 16.07
CA VAL D 23 -2.64 16.87 16.44
C VAL D 23 -1.39 16.65 17.31
N ASP D 24 -0.24 17.30 16.95
CA ASP D 24 1.02 17.31 17.70
C ASP D 24 1.63 15.93 17.97
N LYS D 25 1.16 14.89 17.24
CA LYS D 25 1.57 13.47 17.37
C LYS D 25 1.25 12.92 18.79
N LYS D 26 0.28 13.56 19.48
CA LYS D 26 -0.16 13.23 20.85
C LYS D 26 -1.69 13.05 20.98
N PHE D 27 -2.48 13.80 20.19
CA PHE D 27 -3.94 13.78 20.28
C PHE D 27 -4.65 13.50 18.96
N ILE D 28 -5.91 13.12 19.07
CA ILE D 28 -6.83 12.93 17.95
C ILE D 28 -7.90 14.00 18.16
N LEU D 29 -7.99 14.93 17.21
CA LEU D 29 -9.02 15.96 17.32
C LEU D 29 -10.29 15.44 16.67
N ILE D 30 -11.39 15.44 17.43
CA ILE D 30 -12.69 14.96 16.99
C ILE D 30 -13.79 16.03 17.09
N ARG D 31 -14.78 15.96 16.19
CA ARG D 31 -15.91 16.88 16.12
C ARG D 31 -17.25 16.15 16.30
N CYS D 32 -18.19 16.75 17.04
CA CYS D 32 -19.52 16.18 17.32
C CYS D 32 -20.41 16.06 16.07
N GLN D 35 -25.91 19.23 14.98
CA GLN D 35 -27.29 18.83 15.19
C GLN D 35 -27.49 18.15 16.55
N SER D 36 -28.57 18.55 17.26
CA SER D 36 -28.98 18.06 18.60
C SER D 36 -27.86 18.22 19.65
N ILE D 37 -27.32 19.46 19.76
CA ILE D 37 -26.25 19.81 20.69
C ILE D 37 -26.80 20.21 22.07
N HIS D 38 -26.93 19.22 22.98
CA HIS D 38 -27.43 19.41 24.34
C HIS D 38 -26.27 19.50 25.33
N ASN D 39 -25.40 18.47 25.34
CA ASN D 39 -24.21 18.36 26.18
C ASN D 39 -23.16 17.48 25.48
N CYS D 40 -22.64 17.96 24.32
CA CYS D 40 -21.64 17.25 23.52
C CYS D 40 -20.72 18.20 22.75
N LEU D 42 -18.51 20.06 21.03
CA LEU D 42 -18.22 20.26 19.61
C LEU D 42 -16.83 19.72 19.22
N LEU D 43 -15.75 20.28 19.81
CA LEU D 43 -14.40 19.81 19.52
C LEU D 43 -13.79 19.21 20.77
N VAL D 44 -13.26 18.00 20.63
CA VAL D 44 -12.67 17.25 21.73
C VAL D 44 -11.30 16.75 21.28
N LEU D 45 -10.29 16.90 22.15
CA LEU D 45 -8.95 16.37 21.93
C LEU D 45 -8.84 15.06 22.73
N VAL D 46 -8.62 13.93 22.04
CA VAL D 46 -8.48 12.60 22.66
C VAL D 46 -7.00 12.24 22.74
N ASP D 47 -6.45 12.03 23.96
CA ASP D 47 -5.07 11.58 24.21
C ASP D 47 -4.95 10.19 23.55
N GLN D 48 -4.07 10.06 22.53
CA GLN D 48 -3.89 8.83 21.76
C GLN D 48 -3.41 7.65 22.60
N HIS D 49 -2.55 7.90 23.60
CA HIS D 49 -2.06 6.84 24.46
C HIS D 49 -3.20 6.30 25.32
N ALA D 50 -3.90 7.19 26.03
CA ALA D 50 -5.05 6.87 26.87
C ALA D 50 -6.11 6.12 26.09
N CYS D 51 -6.36 6.53 24.83
CA CYS D 51 -7.31 5.94 23.89
C CYS D 51 -6.96 4.46 23.62
N ASP D 52 -5.72 4.18 23.15
CA ASP D 52 -5.24 2.84 22.84
C ASP D 52 -5.18 1.97 24.08
N GLU D 53 -4.73 2.55 25.22
CA GLU D 53 -4.66 1.87 26.53
C GLU D 53 -6.04 1.38 26.96
N ARG D 54 -7.08 2.22 26.82
CA ARG D 54 -8.45 1.85 27.17
C ARG D 54 -8.99 0.67 26.35
N ILE D 55 -8.79 0.70 25.02
CA ILE D 55 -9.22 -0.36 24.10
C ILE D 55 -8.54 -1.67 24.52
N ARG D 56 -7.21 -1.62 24.75
CA ARG D 56 -6.38 -2.75 25.14
C ARG D 56 -6.77 -3.32 26.49
N LEU D 57 -7.01 -2.46 27.49
CA LEU D 57 -7.40 -2.92 28.82
C LEU D 57 -8.71 -3.71 28.81
N GLU D 58 -9.73 -3.22 28.10
CA GLU D 58 -11.03 -3.87 28.01
C GLU D 58 -10.99 -5.20 27.24
N GLU D 59 -10.09 -5.32 26.24
CA GLU D 59 -9.85 -6.53 25.46
C GLU D 59 -9.18 -7.57 26.37
N LEU D 60 -8.37 -7.10 27.35
CA LEU D 60 -7.66 -7.95 28.32
C LEU D 60 -8.60 -8.43 29.41
N PHE D 61 -9.52 -7.54 29.88
CA PHE D 61 -10.51 -7.89 30.89
C PHE D 61 -11.56 -8.83 30.33
N TYR D 62 -11.90 -8.68 29.03
CA TYR D 62 -12.84 -9.56 28.35
C TYR D 62 -12.25 -10.99 28.25
N SER D 63 -10.97 -11.12 27.81
CA SER D 63 -10.27 -12.41 27.70
C SER D 63 -10.23 -13.13 29.04
N LEU D 64 -9.69 -12.45 30.08
CA LEU D 64 -9.53 -12.97 31.43
C LEU D 64 -10.84 -13.48 31.99
N LEU D 65 -11.88 -12.64 31.97
CA LEU D 65 -13.18 -12.97 32.54
C LEU D 65 -13.91 -14.04 31.75
N THR D 66 -13.74 -14.11 30.42
CA THR D 66 -14.35 -15.18 29.61
C THR D 66 -13.75 -16.50 30.05
N GLU D 67 -12.41 -16.56 30.21
CA GLU D 67 -11.67 -17.74 30.65
C GLU D 67 -12.11 -18.17 32.06
N VAL D 68 -12.16 -17.22 33.01
CA VAL D 68 -12.53 -17.49 34.41
C VAL D 68 -14.00 -17.97 34.50
N VAL D 69 -14.93 -17.27 33.81
CA VAL D 69 -16.35 -17.63 33.82
C VAL D 69 -16.61 -18.99 33.15
N THR D 70 -15.89 -19.34 32.07
CA THR D 70 -16.07 -20.60 31.35
C THR D 70 -15.24 -21.75 31.91
N GLY D 71 -14.36 -21.45 32.86
CA GLY D 71 -13.47 -22.44 33.47
C GLY D 71 -12.37 -22.90 32.52
N THR D 72 -11.87 -21.97 31.69
CA THR D 72 -10.81 -22.21 30.70
C THR D 72 -9.59 -21.33 30.99
N PHE D 73 -9.41 -20.90 32.25
CA PHE D 73 -8.28 -20.07 32.67
C PHE D 73 -7.11 -20.95 33.07
N VAL D 74 -6.12 -21.08 32.18
CA VAL D 74 -4.91 -21.90 32.31
C VAL D 74 -4.16 -21.69 33.63
N ALA D 75 -4.05 -22.77 34.43
CA ALA D 75 -3.32 -22.84 35.69
C ALA D 75 -2.14 -23.79 35.48
N ARG D 76 -0.96 -23.21 35.23
CA ARG D 76 0.28 -23.96 35.00
C ARG D 76 0.75 -24.54 36.34
N ASP D 77 1.09 -25.86 36.34
CA ASP D 77 1.57 -26.60 37.51
C ASP D 77 2.90 -26.06 38.05
N LEU D 78 2.95 -25.84 39.36
CA LEU D 78 4.09 -25.31 40.08
C LEU D 78 4.71 -26.41 40.96
N LYS D 79 6.03 -26.62 40.82
CA LYS D 79 6.77 -27.64 41.57
C LYS D 79 7.58 -27.05 42.72
N ASP D 80 7.51 -27.73 43.89
CA ASP D 80 8.20 -27.41 45.14
C ASP D 80 8.09 -25.92 45.53
N CYS D 81 6.86 -25.46 45.75
CA CYS D 81 6.59 -24.08 46.17
C CYS D 81 5.73 -24.10 47.42
N CYS D 82 6.36 -23.84 48.60
CA CYS D 82 5.71 -23.84 49.91
C CYS D 82 6.07 -22.61 50.71
N ILE D 83 5.05 -21.87 51.16
CA ILE D 83 5.22 -20.65 51.94
C ILE D 83 4.75 -20.87 53.37
N GLU D 84 5.56 -20.42 54.36
CA GLU D 84 5.24 -20.50 55.79
C GLU D 84 4.12 -19.50 56.09
N VAL D 85 3.14 -19.90 56.94
CA VAL D 85 1.99 -19.08 57.33
C VAL D 85 1.63 -19.23 58.82
N ASP D 86 1.02 -18.17 59.41
CA ASP D 86 0.50 -18.13 60.78
C ASP D 86 -0.73 -19.05 60.86
N ARG D 87 -1.23 -19.36 62.07
CA ARG D 87 -2.43 -20.19 62.24
C ARG D 87 -3.66 -19.48 61.61
N THR D 88 -3.79 -18.16 61.86
CA THR D 88 -4.87 -17.31 61.33
C THR D 88 -4.80 -17.21 59.79
N GLU D 89 -3.58 -17.11 59.24
CA GLU D 89 -3.33 -17.02 57.80
C GLU D 89 -3.64 -18.34 57.10
N ALA D 90 -3.24 -19.46 57.71
CA ALA D 90 -3.50 -20.81 57.18
C ALA D 90 -5.01 -21.09 57.17
N ASP D 91 -5.74 -20.62 58.20
CA ASP D 91 -7.20 -20.75 58.33
C ASP D 91 -7.92 -19.83 57.33
N LEU D 92 -7.39 -18.61 57.11
CA LEU D 92 -7.91 -17.61 56.14
C LEU D 92 -7.76 -18.16 54.71
N PHE D 93 -6.71 -18.96 54.45
CA PHE D 93 -6.46 -19.60 53.16
C PHE D 93 -7.30 -20.87 53.01
N LYS D 94 -7.53 -21.60 54.12
CA LYS D 94 -8.35 -22.81 54.11
C LYS D 94 -9.79 -22.46 53.71
N HIS D 95 -10.30 -21.32 54.22
CA HIS D 95 -11.63 -20.79 53.96
C HIS D 95 -11.83 -20.44 52.47
N TYR D 96 -10.90 -19.68 51.87
CA TYR D 96 -11.01 -19.20 50.49
C TYR D 96 -10.26 -20.06 49.43
N GLN D 97 -10.00 -21.36 49.69
CA GLN D 97 -9.30 -22.26 48.75
C GLN D 97 -10.06 -22.41 47.43
N SER D 98 -11.38 -22.56 47.52
CA SER D 98 -12.31 -22.72 46.39
C SER D 98 -12.38 -21.44 45.56
N GLU D 99 -12.30 -20.27 46.23
CA GLU D 99 -12.34 -18.94 45.62
C GLU D 99 -11.07 -18.68 44.80
N PHE D 100 -9.90 -19.05 45.34
CA PHE D 100 -8.62 -18.87 44.66
C PHE D 100 -8.50 -19.80 43.46
N LYS D 101 -9.10 -21.01 43.54
CA LYS D 101 -9.08 -22.00 42.45
C LYS D 101 -9.78 -21.48 41.18
N LYS D 102 -10.72 -20.52 41.36
CA LYS D 102 -11.43 -19.85 40.26
C LYS D 102 -10.48 -19.03 39.41
N TRP D 103 -9.35 -18.56 40.01
CA TRP D 103 -8.32 -17.73 39.38
C TRP D 103 -7.07 -18.52 39.03
N GLY D 104 -7.19 -19.85 39.01
CA GLY D 104 -6.09 -20.76 38.69
C GLY D 104 -5.03 -20.85 39.78
N ILE D 105 -5.33 -20.36 40.99
CA ILE D 105 -4.44 -20.41 42.15
C ILE D 105 -4.87 -21.64 42.97
N GLY D 106 -4.22 -22.76 42.71
CA GLY D 106 -4.49 -24.02 43.38
C GLY D 106 -3.49 -24.28 44.48
N TYR D 107 -3.97 -24.46 45.72
CA TYR D 107 -3.10 -24.72 46.88
C TYR D 107 -3.71 -25.67 47.90
N GLU D 108 -2.84 -26.21 48.79
CA GLU D 108 -3.23 -27.09 49.88
C GLU D 108 -2.67 -26.56 51.20
N THR D 109 -3.49 -26.60 52.26
CA THR D 109 -3.09 -26.12 53.60
C THR D 109 -2.61 -27.29 54.48
N ILE D 110 -1.31 -27.30 54.84
CA ILE D 110 -0.69 -28.33 55.66
C ILE D 110 -0.44 -27.81 57.10
N GLU D 111 -0.81 -28.63 58.12
CA GLU D 111 -0.75 -28.37 59.59
C GLU D 111 -1.92 -27.50 60.05
N THR D 116 3.39 -21.56 62.15
CA THR D 116 3.94 -22.91 62.04
C THR D 116 3.58 -23.58 60.70
N SER D 117 2.28 -23.52 60.30
CA SER D 117 1.69 -24.13 59.10
C SER D 117 2.32 -23.70 57.76
N LEU D 118 2.15 -24.54 56.72
CA LEU D 118 2.68 -24.28 55.38
C LEU D 118 1.61 -24.33 54.28
N LEU D 119 1.74 -23.43 53.27
CA LEU D 119 0.84 -23.31 52.12
C LEU D 119 1.52 -23.89 50.89
N GLU D 120 1.04 -25.05 50.41
CA GLU D 120 1.61 -25.74 49.25
C GLU D 120 0.91 -25.32 47.95
N ILE D 121 1.47 -24.32 47.24
CA ILE D 121 0.91 -23.85 45.97
C ILE D 121 1.24 -24.86 44.88
N LYS D 122 0.19 -25.53 44.36
CA LYS D 122 0.27 -26.55 43.32
C LYS D 122 0.18 -25.98 41.92
N THR D 123 -0.71 -25.00 41.69
CA THR D 123 -0.93 -24.38 40.37
C THR D 123 -1.02 -22.87 40.44
N LEU D 124 -0.51 -22.21 39.40
CA LEU D 124 -0.56 -20.76 39.26
C LEU D 124 -0.89 -20.35 37.84
N PRO D 125 -1.70 -19.28 37.60
CA PRO D 125 -1.92 -18.83 36.21
C PRO D 125 -0.61 -18.26 35.66
N GLU D 126 -0.36 -18.41 34.35
CA GLU D 126 0.88 -17.94 33.72
C GLU D 126 1.19 -16.47 34.00
N MET D 127 0.13 -15.66 34.21
CA MET D 127 0.16 -14.23 34.51
C MET D 127 0.91 -14.00 35.81
N LEU D 128 0.47 -14.69 36.87
CA LEU D 128 1.03 -14.65 38.22
C LEU D 128 2.39 -15.37 38.26
N THR D 129 2.53 -16.54 37.58
CA THR D 129 3.78 -17.32 37.51
C THR D 129 4.93 -16.39 37.07
N SER D 130 4.69 -15.61 36.00
CA SER D 130 5.61 -14.63 35.42
C SER D 130 5.93 -13.47 36.36
N LYS D 131 4.88 -12.86 36.97
CA LYS D 131 4.99 -11.71 37.87
C LYS D 131 5.75 -12.02 39.19
N TYR D 132 5.39 -13.12 39.89
CA TYR D 132 6.05 -13.44 41.17
C TYR D 132 7.53 -13.78 40.95
N ASN D 133 7.87 -14.45 39.83
CA ASN D 133 9.25 -14.74 39.39
C ASN D 133 10.12 -15.45 40.46
N GLY D 134 9.60 -16.55 41.02
CA GLY D 134 10.30 -17.34 42.03
C GLY D 134 10.45 -16.70 43.40
N ASP D 135 9.75 -15.57 43.64
CA ASP D 135 9.78 -14.83 44.90
C ASP D 135 8.59 -15.23 45.75
N LYS D 136 8.84 -16.12 46.72
CA LYS D 136 7.84 -16.64 47.66
C LYS D 136 7.30 -15.56 48.59
N ASP D 137 8.11 -14.53 48.89
CA ASP D 137 7.71 -13.42 49.74
C ASP D 137 6.69 -12.52 49.07
N TYR D 138 6.85 -12.27 47.74
CA TYR D 138 5.92 -11.46 46.96
C TYR D 138 4.60 -12.22 46.79
N LEU D 139 4.68 -13.53 46.46
CA LEU D 139 3.51 -14.39 46.27
C LEU D 139 2.64 -14.43 47.51
N LYS D 140 3.27 -14.60 48.70
CA LYS D 140 2.56 -14.62 49.98
C LYS D 140 1.78 -13.32 50.20
N MET D 141 2.40 -12.17 49.87
CA MET D 141 1.83 -10.84 50.03
C MET D 141 0.61 -10.63 49.15
N VAL D 142 0.68 -10.99 47.84
CA VAL D 142 -0.44 -10.79 46.90
C VAL D 142 -1.62 -11.70 47.20
N LEU D 143 -1.38 -12.94 47.65
CA LEU D 143 -2.48 -13.85 48.00
C LEU D 143 -3.17 -13.38 49.27
N LEU D 144 -2.40 -12.93 50.29
CA LEU D 144 -2.92 -12.38 51.54
C LEU D 144 -3.74 -11.14 51.28
N GLN D 145 -3.24 -10.25 50.38
CA GLN D 145 -3.87 -9.01 49.95
C GLN D 145 -5.29 -9.30 49.44
N HIS D 146 -5.44 -10.32 48.55
CA HIS D 146 -6.74 -10.71 48.00
C HIS D 146 -7.64 -11.39 49.02
N ALA D 147 -7.06 -12.23 49.91
CA ALA D 147 -7.78 -12.93 50.97
C ALA D 147 -8.33 -11.91 51.98
N HIS D 148 -7.59 -10.82 52.24
CA HIS D 148 -8.00 -9.75 53.14
C HIS D 148 -9.07 -8.86 52.49
N ASP D 149 -9.04 -8.74 51.14
CA ASP D 149 -10.03 -7.98 50.38
C ASP D 149 -11.41 -8.67 50.47
N LEU D 150 -11.44 -10.02 50.40
CA LEU D 150 -12.65 -10.84 50.49
C LEU D 150 -13.25 -10.76 51.88
N LYS D 151 -12.43 -11.05 52.91
CA LYS D 151 -12.74 -11.04 54.34
C LYS D 151 -13.27 -9.67 54.79
N ASP D 152 -12.65 -8.57 54.31
CA ASP D 152 -13.04 -7.20 54.67
C ASP D 152 -14.11 -6.61 53.74
N PHE D 153 -14.63 -7.41 52.78
CA PHE D 153 -15.68 -7.06 51.82
C PHE D 153 -15.31 -5.90 50.89
N LYS D 154 -14.03 -5.84 50.49
CA LYS D 154 -13.52 -4.84 49.55
C LYS D 154 -13.63 -5.38 48.12
N LYS D 155 -13.71 -6.73 48.00
CA LYS D 155 -13.89 -7.47 46.76
C LYS D 155 -14.78 -8.66 47.05
N LEU D 156 -15.89 -8.80 46.31
CA LEU D 156 -16.82 -9.91 46.50
C LEU D 156 -16.35 -11.19 45.79
N PRO D 157 -16.87 -12.39 46.14
CA PRO D 157 -16.45 -13.61 45.43
C PRO D 157 -17.01 -13.67 43.99
N MET D 158 -16.43 -14.55 43.15
CA MET D 158 -16.85 -14.73 41.75
C MET D 158 -18.04 -15.69 41.67
N ASP D 159 -19.20 -15.16 41.24
CA ASP D 159 -20.44 -15.94 41.10
C ASP D 159 -20.47 -16.67 39.76
N LEU D 160 -20.10 -17.96 39.79
CA LEU D 160 -20.06 -18.84 38.61
C LEU D 160 -21.32 -19.73 38.49
N SER D 161 -22.45 -19.27 39.06
CA SER D 161 -23.75 -19.95 39.03
C SER D 161 -24.62 -19.50 37.83
N HIS D 162 -24.05 -18.65 36.94
CA HIS D 162 -24.71 -18.14 35.75
C HIS D 162 -24.17 -18.82 34.47
N PHE D 163 -25.11 -19.37 33.67
CA PHE D 163 -24.86 -20.10 32.41
C PHE D 163 -25.21 -19.24 31.19
N LYS D 171 -25.11 -13.66 26.26
CA LYS D 171 -23.79 -13.04 26.09
C LYS D 171 -23.17 -12.60 27.43
N LEU D 172 -21.84 -12.70 27.51
CA LEU D 172 -21.06 -12.36 28.70
C LEU D 172 -20.80 -10.86 28.77
N TYR D 173 -21.20 -10.22 29.89
CA TYR D 173 -20.94 -8.81 30.13
C TYR D 173 -19.84 -8.74 31.16
N TRP D 174 -18.57 -8.84 30.69
CA TRP D 174 -17.34 -8.85 31.51
C TRP D 174 -17.32 -7.77 32.60
N TRP D 175 -17.86 -6.56 32.32
CA TRP D 175 -17.86 -5.44 33.26
C TRP D 175 -18.73 -5.66 34.49
N LYS D 176 -19.60 -6.70 34.47
CA LYS D 176 -20.46 -7.11 35.58
C LYS D 176 -19.71 -8.07 36.52
N TYR D 177 -18.39 -8.25 36.29
CA TYR D 177 -17.50 -9.15 37.02
C TYR D 177 -16.12 -8.53 37.22
N SER D 178 -15.90 -7.35 36.65
CA SER D 178 -14.67 -6.56 36.68
C SER D 178 -14.17 -6.25 38.11
N SER D 179 -15.12 -5.99 39.04
CA SER D 179 -14.87 -5.68 40.45
C SER D 179 -14.27 -6.86 41.24
N CYS D 180 -14.57 -8.11 40.82
CA CYS D 180 -14.09 -9.36 41.41
C CYS D 180 -12.64 -9.64 41.10
N VAL D 181 -12.11 -9.05 40.02
CA VAL D 181 -10.73 -9.27 39.59
C VAL D 181 -9.74 -8.91 40.71
N PRO D 182 -8.94 -9.88 41.20
CA PRO D 182 -7.95 -9.56 42.24
C PRO D 182 -7.01 -8.45 41.79
N THR D 183 -6.72 -7.48 42.69
CA THR D 183 -5.85 -6.31 42.45
C THR D 183 -4.61 -6.65 41.66
N VAL D 184 -3.87 -7.70 42.07
CA VAL D 184 -2.65 -8.14 41.41
C VAL D 184 -2.90 -8.36 39.89
N PHE D 185 -4.02 -9.01 39.50
CA PHE D 185 -4.37 -9.23 38.09
C PHE D 185 -4.73 -7.92 37.41
N HIS D 186 -5.55 -7.10 38.09
CA HIS D 186 -5.95 -5.78 37.64
C HIS D 186 -4.72 -4.94 37.26
N GLU D 187 -3.74 -4.83 38.18
CA GLU D 187 -2.49 -4.09 37.99
C GLU D 187 -1.60 -4.68 36.88
N ILE D 188 -1.67 -6.00 36.66
CA ILE D 188 -0.90 -6.71 35.63
C ILE D 188 -1.43 -6.32 34.26
N LEU D 189 -2.76 -6.36 34.10
CA LEU D 189 -3.45 -6.01 32.86
C LEU D 189 -3.30 -4.53 32.53
N ASN D 190 -3.31 -3.65 33.57
CA ASN D 190 -3.11 -2.21 33.44
C ASN D 190 -1.76 -1.93 32.78
N SER D 191 -0.70 -2.59 33.27
CA SER D 191 0.67 -2.48 32.80
C SER D 191 0.84 -3.07 31.40
N LYS D 192 0.15 -4.19 31.10
CA LYS D 192 0.24 -4.84 29.78
C LYS D 192 -0.42 -3.93 28.76
N ALA D 193 -1.59 -3.33 29.10
CA ALA D 193 -2.32 -2.41 28.23
C ALA D 193 -1.49 -1.15 27.95
N CYS D 194 -0.81 -0.62 28.98
CA CYS D 194 0.04 0.56 28.88
C CYS D 194 1.24 0.39 27.96
N ARG D 195 1.93 -0.74 28.07
CA ARG D 195 3.13 -1.04 27.26
C ARG D 195 2.80 -1.32 25.81
N SER D 196 1.67 -1.98 25.56
CA SER D 196 1.24 -2.34 24.21
C SER D 196 0.65 -1.15 23.46
N ALA D 197 0.10 -0.14 24.19
CA ALA D 197 -0.52 1.07 23.65
C ALA D 197 0.44 1.98 22.91
N VAL D 198 -0.11 2.75 21.94
CA VAL D 198 0.59 3.74 21.13
C VAL D 198 1.08 4.86 22.07
N MET D 199 2.23 5.46 21.80
CA MET D 199 2.73 6.51 22.68
C MET D 199 2.76 7.90 22.03
N PHE D 200 3.10 8.93 22.82
CA PHE D 200 3.23 10.30 22.34
C PHE D 200 4.44 10.37 21.41
N GLY D 201 4.28 11.12 20.32
CA GLY D 201 5.29 11.27 19.28
C GLY D 201 5.05 10.33 18.11
N ASP D 202 4.23 9.30 18.35
CA ASP D 202 3.88 8.28 17.36
C ASP D 202 2.96 8.83 16.29
N GLU D 203 3.26 8.48 15.03
CA GLU D 203 2.52 8.91 13.84
C GLU D 203 1.30 8.04 13.63
N LEU D 204 0.11 8.66 13.59
CA LEU D 204 -1.12 7.93 13.32
C LEU D 204 -1.72 8.51 12.08
N THR D 205 -2.16 7.66 11.14
CA THR D 205 -2.83 8.14 9.93
C THR D 205 -4.27 8.43 10.31
N ARG D 206 -5.04 9.16 9.46
CA ARG D 206 -6.44 9.47 9.73
C ARG D 206 -7.23 8.17 9.83
N GLN D 207 -6.88 7.18 8.97
CA GLN D 207 -7.46 5.84 8.96
C GLN D 207 -7.27 5.17 10.33
N GLU D 208 -6.06 5.26 10.92
CA GLU D 208 -5.76 4.69 12.24
C GLU D 208 -6.52 5.42 13.34
N CYS D 209 -6.70 6.76 13.21
CA CYS D 209 -7.44 7.59 14.20
C CYS D 209 -8.91 7.25 14.18
N ILE D 210 -9.48 7.08 12.96
CA ILE D 210 -10.88 6.71 12.75
C ILE D 210 -11.09 5.39 13.49
N ILE D 211 -10.23 4.38 13.21
CA ILE D 211 -10.27 3.05 13.83
C ILE D 211 -10.16 3.11 15.37
N LEU D 212 -9.20 3.90 15.91
CA LEU D 212 -9.00 4.06 17.36
C LEU D 212 -10.22 4.64 18.05
N ILE D 213 -10.80 5.70 17.48
CA ILE D 213 -11.97 6.36 18.05
C ILE D 213 -13.25 5.50 17.86
N SER D 214 -13.31 4.68 16.78
CA SER D 214 -14.44 3.80 16.55
C SER D 214 -14.48 2.74 17.65
N LYS D 215 -13.30 2.18 17.97
CA LYS D 215 -13.10 1.16 18.99
C LYS D 215 -13.30 1.75 20.39
N LEU D 216 -12.87 3.01 20.59
CA LEU D 216 -13.03 3.70 21.88
C LEU D 216 -14.50 3.94 22.19
N SER D 217 -15.30 4.33 21.19
CA SER D 217 -16.73 4.56 21.41
C SER D 217 -17.47 3.25 21.73
N ARG D 218 -16.83 2.08 21.45
CA ARG D 218 -17.39 0.75 21.71
C ARG D 218 -16.91 0.20 23.07
N CYS D 219 -16.18 1.03 23.85
CA CYS D 219 -15.67 0.68 25.17
C CYS D 219 -16.71 0.97 26.24
N HIS D 220 -16.67 0.22 27.35
CA HIS D 220 -17.58 0.40 28.47
C HIS D 220 -17.32 1.75 29.16
N ASN D 221 -16.05 2.09 29.37
CA ASN D 221 -15.64 3.35 29.98
C ASN D 221 -14.64 4.05 29.03
N PRO D 222 -15.12 4.80 28.01
CA PRO D 222 -14.18 5.44 27.09
C PRO D 222 -13.49 6.72 27.59
N PHE D 223 -14.03 7.32 28.68
CA PHE D 223 -13.64 8.61 29.25
C PHE D 223 -12.44 8.60 30.20
N GLU D 224 -11.85 7.43 30.43
CA GLU D 224 -10.64 7.34 31.24
C GLU D 224 -9.73 6.21 30.78
N CYS D 225 -8.43 6.32 31.09
CA CYS D 225 -7.39 5.33 30.76
C CYS D 225 -7.46 4.15 31.75
N ALA D 226 -6.40 3.31 31.78
CA ALA D 226 -6.33 2.16 32.66
C ALA D 226 -6.14 2.59 34.11
N HIS D 227 -5.34 3.67 34.34
CA HIS D 227 -4.98 4.21 35.65
C HIS D 227 -5.91 5.34 36.13
N GLY D 228 -7.18 5.27 35.73
CA GLY D 228 -8.24 6.21 36.10
C GLY D 228 -8.15 7.66 35.67
N ARG D 229 -7.11 8.05 34.92
CA ARG D 229 -6.92 9.43 34.46
C ARG D 229 -7.76 9.71 33.17
N PRO D 230 -8.20 10.97 32.87
CA PRO D 230 -9.02 11.20 31.67
C PRO D 230 -8.33 10.87 30.34
N SER D 231 -9.13 10.42 29.38
CA SER D 231 -8.65 10.02 28.06
C SER D 231 -8.84 11.12 27.00
N MET D 232 -9.73 12.08 27.28
CA MET D 232 -10.08 13.17 26.38
C MET D 232 -10.44 14.44 27.12
N VAL D 233 -10.27 15.60 26.46
CA VAL D 233 -10.59 16.92 27.01
C VAL D 233 -11.35 17.76 25.97
N PRO D 234 -12.54 18.30 26.30
CA PRO D 234 -13.21 19.18 25.33
C PRO D 234 -12.49 20.54 25.26
N ILE D 235 -12.26 21.06 24.04
CA ILE D 235 -11.56 22.34 23.83
C ILE D 235 -12.52 23.49 23.43
N ALA D 236 -13.62 23.16 22.70
CA ALA D 236 -14.62 24.13 22.26
C ALA D 236 -15.49 24.61 23.44
ZN ZN E . 5.91 -30.36 2.94
ZN ZN F . 8.68 -32.27 2.03
ZN ZN G . -0.33 4.38 30.05
ZN ZN H . -2.97 5.25 32.26
#